data_8TBG
#
_entry.id   8TBG
#
_cell.length_a   65.450
_cell.length_b   80.860
_cell.length_c   128.209
_cell.angle_alpha   90.000
_cell.angle_beta   90.000
_cell.angle_gamma   90.000
#
_symmetry.space_group_name_H-M   'P 21 21 21'
#
loop_
_entity.id
_entity.type
_entity.pdbx_description
1 polymer 'GTPase HRas'
2 polymer 'Peptidyl-prolyl cis-trans isomerase A'
3 non-polymer 'PHOSPHOAMINOPHOSPHONIC ACID-GUANYLATE ESTER'
4 non-polymer 'MAGNESIUM ION'
5 non-polymer GLYCEROL
6 non-polymer (1R,5S,6r)-N-[(1P,7S,9S,13S,20M)-20-{5-(4-cyclopropylpiperazin-1-yl)-2-[(1S)-1-methoxyethyl]pyridin-3-yl}-21-ethyl-17,17-dimethyl-8,14-dioxo-15-oxa-4-thia-9,21,27,28-tetraazapentacyclo[17.5.2.1~2,5~.1~9,13~.0~22,26~]octacosa-1(24),2,5(28),19,22,25-hexaen-7-yl]-3-oxabicyclo[3.1.0]hexane-6-carboxamide
7 water water
#
loop_
_entity_poly.entity_id
_entity_poly.type
_entity_poly.pdbx_seq_one_letter_code
_entity_poly.pdbx_strand_id
1 'polypeptide(L)'
;GMTEYKLVVVGAGGVGKSALTIQLIQNHFVDEYDPTIEDSYRKQVVIDGETCLLDILDTAGQEEYSAMRDQYMRTGEGFL
CVFAINNTKSFEDIHQYREQIKRVKDSDDVPMVLVGNKCDLAARTVESRQAQDLARSYGIPYIETSAKTRQGVEDAFYTL
VREIRQH
;
A,B
2 'polypeptide(L)'
;SMVNPTVFFDIAVDGEPLGRVSFELFADKVPKTAENFRALSTGEKGFGYKGSCFHRIIPGFMCQGGDFTRHNGTGGKSIY
GEKFEDENFILKHTGPGILSMANAGPNTNGSQFFICTAKTEWLDGKHVVFGKVKEGMNIVEAMERFGSRNGKTSKKITIA
DCGQLE
;
C,D
#
# COMPACT_ATOMS: atom_id res chain seq x y z
N GLY A 1 -4.10 20.43 13.16
CA GLY A 1 -3.55 19.17 12.72
C GLY A 1 -2.12 18.97 13.17
N MET A 2 -1.74 17.71 13.39
CA MET A 2 -0.39 17.43 13.88
C MET A 2 0.61 17.45 12.73
N THR A 3 1.81 17.87 13.06
CA THR A 3 2.89 17.89 12.09
C THR A 3 3.30 16.47 11.73
N GLU A 4 3.58 16.26 10.46
CA GLU A 4 4.09 14.99 9.97
C GLU A 4 5.59 15.09 9.73
N TYR A 5 6.30 14.03 10.08
CA TYR A 5 7.75 13.95 9.87
C TYR A 5 8.04 12.77 8.97
N LYS A 6 8.76 13.01 7.87
CA LYS A 6 9.09 11.98 6.90
C LYS A 6 10.45 11.41 7.27
N LEU A 7 10.44 10.26 7.94
CA LEU A 7 11.65 9.60 8.38
C LEU A 7 11.97 8.48 7.41
N VAL A 8 13.26 8.26 7.18
CA VAL A 8 13.72 7.22 6.27
C VAL A 8 14.77 6.39 6.98
N VAL A 9 14.61 5.07 6.95
CA VAL A 9 15.52 4.14 7.62
C VAL A 9 16.39 3.48 6.54
N VAL A 10 17.70 3.70 6.61
CA VAL A 10 18.64 3.21 5.60
C VAL A 10 19.76 2.44 6.29
N GLY A 11 20.49 1.68 5.48
CA GLY A 11 21.58 0.88 6.00
C GLY A 11 21.69 -0.44 5.26
N ALA A 12 22.79 -1.14 5.49
CA ALA A 12 23.09 -2.36 4.74
C ALA A 12 22.03 -3.43 5.01
N GLY A 13 21.98 -4.40 4.09
CA GLY A 13 21.03 -5.49 4.22
C GLY A 13 21.24 -6.26 5.52
N GLY A 14 20.14 -6.56 6.19
CA GLY A 14 20.16 -7.44 7.33
C GLY A 14 20.50 -6.80 8.65
N VAL A 15 20.69 -5.49 8.70
CA VAL A 15 21.07 -4.83 9.95
C VAL A 15 19.91 -4.69 10.91
N GLY A 16 18.67 -4.82 10.43
CA GLY A 16 17.48 -4.77 11.26
C GLY A 16 16.63 -3.52 11.07
N LYS A 17 16.71 -2.89 9.89
CA LYS A 17 15.88 -1.72 9.62
C LYS A 17 14.40 -2.05 9.77
N SER A 18 13.96 -3.14 9.15
CA SER A 18 12.56 -3.52 9.24
C SER A 18 12.17 -3.95 10.64
N ALA A 19 13.04 -4.73 11.30
CA ALA A 19 12.74 -5.15 12.66
C ALA A 19 12.57 -3.96 13.59
N LEU A 20 13.43 -2.95 13.44
CA LEU A 20 13.30 -1.75 14.25
C LEU A 20 11.97 -1.05 13.97
N THR A 21 11.63 -0.89 12.70
CA THR A 21 10.42 -0.17 12.33
C THR A 21 9.19 -0.94 12.80
N ILE A 22 9.17 -2.25 12.57
N ILE A 22 9.15 -2.25 12.59
CA ILE A 22 8.03 -3.08 12.99
CA ILE A 22 7.97 -3.03 12.99
C ILE A 22 7.88 -3.06 14.50
C ILE A 22 7.87 -3.11 14.51
N GLN A 23 9.00 -3.11 15.22
CA GLN A 23 8.94 -3.01 16.68
C GLN A 23 8.29 -1.70 17.11
N LEU A 24 8.71 -0.60 16.50
CA LEU A 24 8.09 0.69 16.82
C LEU A 24 6.60 0.69 16.50
N ILE A 25 6.22 0.23 15.31
CA ILE A 25 4.86 0.40 14.84
C ILE A 25 3.93 -0.62 15.46
N GLN A 26 4.37 -1.88 15.54
CA GLN A 26 3.48 -2.99 15.84
C GLN A 26 3.81 -3.69 17.15
N ASN A 27 4.88 -3.31 17.83
CA ASN A 27 5.18 -3.86 19.15
C ASN A 27 5.46 -5.36 19.08
N HIS A 28 6.06 -5.83 18.01
N HIS A 28 6.15 -5.77 18.01
CA HIS A 28 6.55 -7.19 18.02
CA HIS A 28 6.39 -7.16 17.63
C HIS A 28 7.84 -7.22 17.24
C HIS A 28 7.79 -7.27 17.05
N PHE A 29 8.54 -8.31 17.42
CA PHE A 29 9.86 -8.54 16.85
C PHE A 29 9.75 -9.56 15.72
N VAL A 30 10.10 -9.14 14.52
CA VAL A 30 10.13 -10.05 13.38
C VAL A 30 11.41 -10.88 13.46
N ASP A 31 11.25 -12.18 13.70
CA ASP A 31 12.39 -13.08 13.77
C ASP A 31 12.84 -13.54 12.40
N GLU A 32 11.92 -13.62 11.44
CA GLU A 32 12.24 -14.13 10.12
C GLU A 32 12.92 -13.06 9.29
N TYR A 33 13.55 -13.50 8.21
CA TYR A 33 14.25 -12.62 7.29
C TYR A 33 13.39 -12.42 6.04
N ASP A 34 12.80 -11.23 5.92
CA ASP A 34 11.95 -10.87 4.79
C ASP A 34 12.61 -9.63 4.19
N PRO A 35 13.62 -9.81 3.33
CA PRO A 35 14.33 -8.63 2.79
C PRO A 35 13.37 -7.67 2.08
N THR A 36 13.52 -6.39 2.39
CA THR A 36 12.55 -5.39 1.99
C THR A 36 12.74 -4.95 0.55
N ILE A 37 11.63 -4.66 -0.12
CA ILE A 37 11.64 -3.89 -1.36
C ILE A 37 11.54 -2.42 -0.94
N GLU A 38 10.36 -2.03 -0.45
CA GLU A 38 10.17 -0.71 0.14
C GLU A 38 8.82 -0.75 0.85
N ASP A 39 8.76 -0.27 2.08
CA ASP A 39 7.50 -0.24 2.81
C ASP A 39 7.40 1.09 3.53
N SER A 40 6.17 1.52 3.75
CA SER A 40 5.88 2.75 4.47
CA SER A 40 5.91 2.75 4.48
CA SER A 40 5.90 2.75 4.47
C SER A 40 4.96 2.46 5.63
N TYR A 41 5.15 3.20 6.71
CA TYR A 41 4.35 3.05 7.93
C TYR A 41 4.00 4.42 8.48
N ARG A 42 2.95 4.45 9.30
CA ARG A 42 2.50 5.67 9.96
C ARG A 42 2.27 5.38 11.44
N LYS A 43 2.69 6.30 12.30
CA LYS A 43 2.38 6.17 13.73
C LYS A 43 2.36 7.55 14.37
N GLN A 44 1.33 7.82 15.17
CA GLN A 44 1.33 9.05 15.94
C GLN A 44 1.99 8.83 17.30
N VAL A 45 2.77 9.83 17.73
CA VAL A 45 3.53 9.74 18.96
C VAL A 45 3.56 11.10 19.61
N VAL A 46 3.96 11.14 20.88
CA VAL A 46 4.15 12.39 21.60
C VAL A 46 5.63 12.51 21.88
N ILE A 47 6.25 13.61 21.44
CA ILE A 47 7.66 13.83 21.65
C ILE A 47 7.81 15.23 22.24
N ASP A 48 8.41 15.32 23.44
CA ASP A 48 8.60 16.59 24.11
C ASP A 48 7.30 17.39 24.20
N GLY A 49 6.22 16.69 24.57
CA GLY A 49 4.94 17.33 24.80
C GLY A 49 4.11 17.64 23.58
N GLU A 50 4.60 17.33 22.38
CA GLU A 50 3.90 17.67 21.15
C GLU A 50 3.60 16.40 20.37
N THR A 51 2.32 16.16 20.10
CA THR A 51 1.93 15.03 19.27
C THR A 51 2.33 15.27 17.82
N CYS A 52 2.83 14.23 17.17
CA CYS A 52 3.19 14.33 15.78
C CYS A 52 2.97 12.99 15.11
N LEU A 53 2.98 13.02 13.78
CA LEU A 53 2.72 11.84 12.97
C LEU A 53 4.00 11.43 12.29
N LEU A 54 4.50 10.24 12.58
CA LEU A 54 5.68 9.72 11.94
C LEU A 54 5.27 9.00 10.66
N ASP A 55 5.91 9.37 9.56
N ASP A 55 5.81 9.45 9.53
CA ASP A 55 5.75 8.73 8.27
CA ASP A 55 5.73 8.69 8.29
C ASP A 55 7.10 8.08 7.97
C ASP A 55 7.11 8.09 8.11
N ILE A 56 7.18 6.77 8.13
CA ILE A 56 8.47 6.07 8.13
C ILE A 56 8.60 5.26 6.86
N LEU A 57 9.67 5.52 6.12
CA LEU A 57 9.99 4.75 4.93
C LEU A 57 11.06 3.72 5.29
N ASP A 58 10.73 2.45 5.12
CA ASP A 58 11.65 1.36 5.40
C ASP A 58 12.21 0.90 4.05
N THR A 59 13.52 1.05 3.87
CA THR A 59 14.13 0.89 2.56
C THR A 59 14.90 -0.43 2.46
N ALA A 60 15.26 -0.76 1.22
CA ALA A 60 16.02 -1.98 0.96
C ALA A 60 17.50 -1.78 1.27
N GLY A 61 18.11 -2.81 1.84
CA GLY A 61 19.55 -2.86 1.89
C GLY A 61 20.13 -3.73 0.79
N GLN A 62 19.90 -3.35 -0.45
CA GLN A 62 20.40 -4.09 -1.62
C GLN A 62 21.45 -3.22 -2.30
N GLU A 63 22.70 -3.70 -2.29
CA GLU A 63 23.78 -2.92 -2.89
C GLU A 63 23.60 -2.74 -4.39
N GLU A 64 22.89 -3.66 -5.06
CA GLU A 64 22.75 -3.59 -6.50
C GLU A 64 22.02 -2.33 -6.95
N TYR A 65 21.14 -1.80 -6.11
CA TYR A 65 20.24 -0.71 -6.50
C TYR A 65 20.60 0.61 -5.83
N SER A 66 21.88 0.83 -5.53
CA SER A 66 22.28 2.06 -4.82
C SER A 66 21.85 3.33 -5.57
N ALA A 67 21.82 3.31 -6.90
CA ALA A 67 21.39 4.50 -7.64
C ALA A 67 19.90 4.80 -7.47
N MET A 68 19.10 3.81 -7.12
N MET A 68 19.09 3.81 -7.12
CA MET A 68 17.67 4.00 -6.94
CA MET A 68 17.66 4.05 -6.95
C MET A 68 17.30 4.64 -5.61
C MET A 68 17.31 4.67 -5.61
N ARG A 69 18.29 4.89 -4.73
CA ARG A 69 18.01 5.49 -3.43
C ARG A 69 17.83 6.99 -3.52
N ASP A 70 18.36 7.62 -4.57
CA ASP A 70 18.28 9.07 -4.69
C ASP A 70 16.86 9.57 -4.52
N GLN A 71 15.88 8.89 -5.14
CA GLN A 71 14.53 9.43 -5.16
C GLN A 71 13.95 9.51 -3.75
N TYR A 72 14.19 8.51 -2.91
CA TYR A 72 13.64 8.58 -1.57
C TYR A 72 14.48 9.44 -0.64
N MET A 73 15.77 9.61 -0.94
CA MET A 73 16.56 10.54 -0.14
C MET A 73 16.13 11.97 -0.40
N ARG A 74 15.69 12.29 -1.62
CA ARG A 74 15.22 13.64 -1.92
C ARG A 74 14.04 14.02 -1.06
N THR A 75 13.10 13.10 -0.87
CA THR A 75 11.85 13.41 -0.19
C THR A 75 11.94 13.26 1.33
N GLY A 76 12.88 12.47 1.83
CA GLY A 76 12.94 12.25 3.27
C GLY A 76 13.46 13.49 4.01
N GLU A 77 12.92 13.71 5.22
CA GLU A 77 13.34 14.83 6.05
C GLU A 77 14.43 14.46 7.04
N GLY A 78 14.47 13.22 7.49
CA GLY A 78 15.49 12.79 8.42
C GLY A 78 15.76 11.32 8.21
N PHE A 79 16.97 10.88 8.56
CA PHE A 79 17.45 9.56 8.23
C PHE A 79 18.00 8.84 9.44
N LEU A 80 17.51 7.64 9.71
N LEU A 80 17.55 7.60 9.65
CA LEU A 80 18.19 6.71 10.59
CA LEU A 80 18.15 6.69 10.60
C LEU A 80 19.18 5.94 9.73
C LEU A 80 19.15 5.83 9.83
N CYS A 81 20.44 6.03 10.08
CA CYS A 81 21.50 5.27 9.39
C CYS A 81 21.89 4.13 10.32
N VAL A 82 21.51 2.92 9.94
CA VAL A 82 21.54 1.76 10.82
C VAL A 82 22.68 0.83 10.40
N PHE A 83 23.45 0.37 11.38
CA PHE A 83 24.34 -0.76 11.20
C PHE A 83 24.05 -1.75 12.31
N ALA A 84 24.63 -2.95 12.24
CA ALA A 84 24.49 -3.95 13.30
C ALA A 84 25.83 -4.07 14.02
N ILE A 85 25.79 -4.10 15.35
CA ILE A 85 27.02 -4.07 16.14
C ILE A 85 27.83 -5.35 16.02
N ASN A 86 27.30 -6.39 15.39
CA ASN A 86 28.03 -7.62 15.14
C ASN A 86 28.43 -7.78 13.68
N ASN A 87 28.39 -6.69 12.90
CA ASN A 87 28.63 -6.74 11.47
C ASN A 87 29.50 -5.53 11.11
N THR A 88 30.82 -5.72 11.13
CA THR A 88 31.74 -4.61 10.86
C THR A 88 31.52 -4.03 9.47
N LYS A 89 31.23 -4.87 8.47
CA LYS A 89 30.99 -4.36 7.13
C LYS A 89 29.83 -3.38 7.12
N SER A 90 28.75 -3.70 7.86
CA SER A 90 27.61 -2.78 7.89
C SER A 90 27.99 -1.44 8.50
N PHE A 91 28.92 -1.44 9.46
CA PHE A 91 29.42 -0.19 10.03
C PHE A 91 30.26 0.57 9.01
N GLU A 92 31.11 -0.12 8.26
CA GLU A 92 31.89 0.54 7.22
C GLU A 92 30.99 1.09 6.12
N ASP A 93 29.83 0.47 5.90
CA ASP A 93 28.90 0.94 4.87
C ASP A 93 28.22 2.25 5.24
N ILE A 94 28.27 2.66 6.50
CA ILE A 94 27.59 3.88 6.93
C ILE A 94 28.09 5.09 6.16
N HIS A 95 29.40 5.19 5.97
CA HIS A 95 29.97 6.34 5.28
C HIS A 95 29.29 6.56 3.93
N GLN A 96 29.11 5.49 3.16
CA GLN A 96 28.53 5.61 1.83
C GLN A 96 27.09 6.10 1.89
N TYR A 97 26.32 5.63 2.87
N TYR A 97 26.32 5.63 2.88
CA TYR A 97 24.94 6.10 3.02
CA TYR A 97 24.93 6.10 2.99
C TYR A 97 24.92 7.59 3.34
C TYR A 97 24.89 7.58 3.37
N ARG A 98 25.72 8.00 4.32
CA ARG A 98 25.72 9.40 4.71
C ARG A 98 26.17 10.29 3.55
N GLU A 99 27.21 9.88 2.83
CA GLU A 99 27.68 10.66 1.70
C GLU A 99 26.61 10.77 0.62
N GLN A 100 25.87 9.68 0.37
CA GLN A 100 24.83 9.72 -0.64
C GLN A 100 23.72 10.69 -0.23
N ILE A 101 23.31 10.64 1.04
CA ILE A 101 22.28 11.55 1.53
C ILE A 101 22.72 13.00 1.38
N LYS A 102 23.97 13.29 1.78
CA LYS A 102 24.50 14.64 1.64
C LYS A 102 24.51 15.08 0.19
N ARG A 103 24.94 14.19 -0.71
CA ARG A 103 25.00 14.52 -2.13
C ARG A 103 23.60 14.75 -2.71
N VAL A 104 22.67 13.84 -2.42
CA VAL A 104 21.33 13.96 -2.99
C VAL A 104 20.64 15.22 -2.51
N LYS A 105 20.76 15.51 -1.22
CA LYS A 105 20.13 16.70 -0.65
C LYS A 105 21.01 17.94 -0.79
N ASP A 106 22.22 17.79 -1.32
CA ASP A 106 23.15 18.90 -1.53
C ASP A 106 23.33 19.72 -0.25
N SER A 107 23.60 19.01 0.85
CA SER A 107 23.74 19.67 2.14
C SER A 107 24.64 18.86 3.04
N ASP A 108 25.50 19.55 3.79
CA ASP A 108 26.29 18.93 4.84
C ASP A 108 25.55 18.82 6.16
N ASP A 109 24.31 19.30 6.22
CA ASP A 109 23.54 19.39 7.47
C ASP A 109 22.15 18.79 7.22
N VAL A 110 22.07 17.48 7.23
CA VAL A 110 20.81 16.75 7.05
C VAL A 110 20.49 16.06 8.38
N PRO A 111 19.26 16.17 8.89
CA PRO A 111 18.93 15.48 10.15
C PRO A 111 19.14 13.99 10.01
N MET A 112 19.84 13.42 10.99
N MET A 112 19.96 13.44 10.90
CA MET A 112 20.33 12.05 10.85
CA MET A 112 20.36 12.05 10.86
C MET A 112 20.74 11.54 12.23
C MET A 112 20.63 11.57 12.28
N VAL A 113 20.47 10.26 12.48
CA VAL A 113 20.89 9.59 13.70
C VAL A 113 21.62 8.32 13.29
N LEU A 114 22.75 8.05 13.94
CA LEU A 114 23.48 6.81 13.74
C LEU A 114 22.94 5.78 14.73
N VAL A 115 22.55 4.61 14.22
CA VAL A 115 21.91 3.59 15.03
C VAL A 115 22.74 2.32 14.96
N GLY A 116 23.20 1.86 16.12
CA GLY A 116 23.88 0.59 16.20
C GLY A 116 22.91 -0.44 16.75
N ASN A 117 22.39 -1.28 15.86
CA ASN A 117 21.34 -2.22 16.21
C ASN A 117 21.90 -3.58 16.60
N LYS A 118 21.02 -4.43 17.15
CA LYS A 118 21.33 -5.78 17.62
C LYS A 118 22.18 -5.76 18.88
N CYS A 119 21.98 -4.74 19.74
CA CYS A 119 22.78 -4.62 20.95
C CYS A 119 22.47 -5.69 21.98
N ASP A 120 21.42 -6.50 21.75
CA ASP A 120 21.15 -7.66 22.58
C ASP A 120 22.14 -8.79 22.35
N LEU A 121 22.92 -8.74 21.27
CA LEU A 121 23.78 -9.86 20.89
C LEU A 121 25.14 -9.74 21.57
N ALA A 122 25.69 -10.89 21.95
CA ALA A 122 26.91 -10.93 22.77
C ALA A 122 28.15 -10.66 21.95
N ALA A 123 28.29 -11.32 20.80
CA ALA A 123 29.52 -11.26 20.01
C ALA A 123 29.58 -9.96 19.20
N ARG A 124 29.82 -8.87 19.92
CA ARG A 124 29.94 -7.55 19.30
C ARG A 124 31.27 -7.44 18.58
N THR A 125 31.26 -6.89 17.36
CA THR A 125 32.47 -6.61 16.62
C THR A 125 32.70 -5.12 16.38
N VAL A 126 31.70 -4.29 16.62
CA VAL A 126 31.84 -2.83 16.56
C VAL A 126 31.66 -2.30 17.97
N GLU A 127 32.72 -1.76 18.56
CA GLU A 127 32.63 -1.23 19.91
C GLU A 127 31.83 0.07 19.91
N SER A 128 31.13 0.31 21.02
CA SER A 128 30.35 1.54 21.15
C SER A 128 31.21 2.77 20.95
N ARG A 129 32.45 2.74 21.46
CA ARG A 129 33.33 3.89 21.34
C ARG A 129 33.61 4.24 19.88
N GLN A 130 33.83 3.23 19.03
CA GLN A 130 34.06 3.48 17.62
C GLN A 130 32.89 4.24 17.01
N ALA A 131 31.67 3.76 17.28
CA ALA A 131 30.50 4.40 16.70
C ALA A 131 30.24 5.77 17.31
N GLN A 132 30.50 5.93 18.62
CA GLN A 132 30.37 7.24 19.23
C GLN A 132 31.30 8.24 18.58
N ASP A 133 32.54 7.84 18.33
CA ASP A 133 33.51 8.71 17.66
C ASP A 133 33.06 9.06 16.26
N LEU A 134 32.54 8.09 15.50
CA LEU A 134 32.06 8.39 14.16
C LEU A 134 30.90 9.38 14.21
N ALA A 135 29.92 9.13 15.06
CA ALA A 135 28.78 10.05 15.17
C ALA A 135 29.25 11.44 15.57
N ARG A 136 30.23 11.52 16.48
CA ARG A 136 30.76 12.82 16.87
C ARG A 136 31.38 13.54 15.67
N SER A 137 32.09 12.80 14.81
CA SER A 137 32.70 13.42 13.63
C SER A 137 31.64 13.86 12.62
N TYR A 138 30.48 13.21 12.61
CA TYR A 138 29.37 13.64 11.76
C TYR A 138 28.55 14.74 12.40
N GLY A 139 28.70 14.96 13.71
CA GLY A 139 27.84 15.90 14.40
C GLY A 139 26.41 15.41 14.60
N ILE A 140 26.21 14.12 14.79
CA ILE A 140 24.87 13.55 14.93
C ILE A 140 24.84 12.62 16.13
N PRO A 141 23.65 12.35 16.67
CA PRO A 141 23.55 11.42 17.80
C PRO A 141 23.84 9.98 17.39
N TYR A 142 24.29 9.19 18.36
CA TYR A 142 24.43 7.75 18.23
C TYR A 142 23.56 7.09 19.28
N ILE A 143 22.76 6.12 18.84
CA ILE A 143 21.87 5.39 19.73
C ILE A 143 22.04 3.91 19.44
N GLU A 144 22.27 3.13 20.49
CA GLU A 144 22.30 1.68 20.36
C GLU A 144 20.91 1.12 20.62
N THR A 145 20.51 0.18 19.78
CA THR A 145 19.16 -0.34 19.81
C THR A 145 19.18 -1.86 19.75
N SER A 146 18.08 -2.45 20.19
CA SER A 146 17.75 -3.84 19.88
C SER A 146 16.29 -3.87 19.46
N ALA A 147 16.05 -4.20 18.20
CA ALA A 147 14.67 -4.47 17.79
C ALA A 147 14.09 -5.66 18.51
N LYS A 148 14.93 -6.53 19.06
CA LYS A 148 14.44 -7.71 19.76
C LYS A 148 13.94 -7.36 21.16
N THR A 149 14.72 -6.61 21.94
CA THR A 149 14.32 -6.28 23.30
C THR A 149 13.59 -4.95 23.41
N ARG A 150 13.53 -4.15 22.35
N ARG A 150 13.56 -4.15 22.35
CA ARG A 150 12.99 -2.80 22.29
CA ARG A 150 13.00 -2.81 22.28
C ARG A 150 13.97 -1.75 22.82
C ARG A 150 13.93 -1.76 22.91
N GLN A 151 15.13 -2.14 23.37
CA GLN A 151 16.07 -1.15 23.88
C GLN A 151 16.34 -0.08 22.83
N GLY A 152 16.15 1.18 23.22
CA GLY A 152 16.48 2.32 22.40
C GLY A 152 15.64 2.55 21.17
N VAL A 153 14.63 1.72 20.90
CA VAL A 153 13.89 1.84 19.64
C VAL A 153 13.14 3.16 19.57
N GLU A 154 12.34 3.46 20.57
CA GLU A 154 11.66 4.75 20.61
C GLU A 154 12.68 5.88 20.64
N ASP A 155 13.75 5.71 21.42
CA ASP A 155 14.76 6.76 21.52
C ASP A 155 15.34 7.09 20.15
N ALA A 156 15.61 6.08 19.33
CA ALA A 156 16.21 6.34 18.02
C ALA A 156 15.29 7.17 17.16
N PHE A 157 14.02 6.77 17.04
CA PHE A 157 13.10 7.50 16.18
C PHE A 157 12.78 8.88 16.75
N TYR A 158 12.56 8.95 18.06
CA TYR A 158 12.21 10.24 18.65
C TYR A 158 13.37 11.23 18.57
N THR A 159 14.60 10.73 18.78
CA THR A 159 15.77 11.59 18.64
C THR A 159 15.87 12.13 17.22
N LEU A 160 15.54 11.30 16.22
CA LEU A 160 15.57 11.80 14.85
C LEU A 160 14.56 12.92 14.64
N VAL A 161 13.37 12.80 15.22
CA VAL A 161 12.40 13.89 15.17
C VAL A 161 12.97 15.14 15.81
N ARG A 162 13.62 15.01 16.97
CA ARG A 162 14.24 16.17 17.60
C ARG A 162 15.26 16.82 16.67
N GLU A 163 16.05 16.01 15.97
CA GLU A 163 17.03 16.56 15.02
C GLU A 163 16.35 17.35 13.91
N ILE A 164 15.22 16.85 13.42
CA ILE A 164 14.45 17.59 12.42
C ILE A 164 13.93 18.90 13.01
N ARG A 165 13.34 18.83 14.20
CA ARG A 165 12.76 20.04 14.81
C ARG A 165 13.82 21.10 15.06
N GLN A 166 15.05 20.68 15.35
CA GLN A 166 16.13 21.60 15.68
C GLN A 166 16.95 22.00 14.46
N HIS A 167 16.60 21.52 13.27
CA HIS A 167 17.32 21.83 12.05
C HIS A 167 17.12 23.28 11.65
N GLY B 1 16.30 -0.35 -19.48
CA GLY B 1 14.95 -0.52 -18.93
C GLY B 1 13.94 0.41 -19.56
N MET B 2 12.66 0.19 -19.29
CA MET B 2 11.62 0.97 -19.95
C MET B 2 11.40 2.30 -19.23
N THR B 3 10.91 3.28 -19.98
CA THR B 3 10.61 4.59 -19.43
C THR B 3 9.35 4.53 -18.58
N GLU B 4 9.31 5.33 -17.52
CA GLU B 4 8.19 5.39 -16.60
C GLU B 4 7.44 6.72 -16.76
N TYR B 5 6.12 6.67 -16.71
CA TYR B 5 5.27 7.87 -16.79
C TYR B 5 4.39 7.95 -15.56
N LYS B 6 4.35 9.13 -14.93
CA LYS B 6 3.58 9.37 -13.71
C LYS B 6 2.28 10.06 -14.09
N LEU B 7 1.20 9.30 -14.14
CA LEU B 7 -0.12 9.81 -14.49
C LEU B 7 -0.94 9.99 -13.23
N VAL B 8 -1.76 11.04 -13.20
CA VAL B 8 -2.62 11.32 -12.05
C VAL B 8 -4.04 11.52 -12.58
N VAL B 9 -5.00 10.84 -11.94
CA VAL B 9 -6.41 10.89 -12.32
C VAL B 9 -7.12 11.75 -11.30
N VAL B 10 -7.71 12.86 -11.74
CA VAL B 10 -8.38 13.82 -10.86
C VAL B 10 -9.79 14.11 -11.37
N GLY B 11 -10.61 14.66 -10.48
CA GLY B 11 -11.98 15.02 -10.79
C GLY B 11 -12.88 14.80 -9.59
N ALA B 12 -14.11 15.30 -9.71
CA ALA B 12 -15.07 15.29 -8.61
C ALA B 12 -15.44 13.87 -8.18
N GLY B 13 -16.00 13.76 -6.98
CA GLY B 13 -16.36 12.45 -6.45
C GLY B 13 -17.37 11.73 -7.33
N GLY B 14 -17.14 10.45 -7.55
CA GLY B 14 -18.10 9.59 -8.18
C GLY B 14 -18.12 9.64 -9.69
N VAL B 15 -17.20 10.37 -10.32
CA VAL B 15 -17.23 10.49 -11.78
C VAL B 15 -16.72 9.24 -12.48
N GLY B 16 -16.02 8.36 -11.76
CA GLY B 16 -15.50 7.12 -12.31
C GLY B 16 -13.99 7.09 -12.47
N LYS B 17 -13.25 7.90 -11.71
CA LYS B 17 -11.79 7.84 -11.80
C LYS B 17 -11.27 6.45 -11.49
N SER B 18 -11.76 5.84 -10.41
CA SER B 18 -11.28 4.52 -10.04
C SER B 18 -11.76 3.47 -11.02
N ALA B 19 -13.03 3.57 -11.45
CA ALA B 19 -13.54 2.58 -12.40
C ALA B 19 -12.73 2.61 -13.70
N LEU B 20 -12.35 3.80 -14.18
CA LEU B 20 -11.50 3.88 -15.36
C LEU B 20 -10.15 3.22 -15.11
N THR B 21 -9.52 3.56 -13.97
CA THR B 21 -8.18 3.05 -13.68
C THR B 21 -8.19 1.54 -13.53
N ILE B 22 -9.20 1.03 -12.81
CA ILE B 22 -9.27 -0.41 -12.56
CA ILE B 22 -9.28 -0.41 -12.56
C ILE B 22 -9.62 -1.17 -13.83
N GLN B 23 -10.41 -0.56 -14.73
CA GLN B 23 -10.61 -1.20 -16.04
C GLN B 23 -9.28 -1.31 -16.78
N LEU B 24 -8.48 -0.25 -16.75
CA LEU B 24 -7.20 -0.29 -17.43
C LEU B 24 -6.28 -1.32 -16.80
N ILE B 25 -6.18 -1.32 -15.47
CA ILE B 25 -5.21 -2.17 -14.78
C ILE B 25 -5.66 -3.63 -14.77
N GLN B 26 -6.95 -3.87 -14.47
CA GLN B 26 -7.41 -5.21 -14.10
C GLN B 26 -8.44 -5.82 -15.04
N ASN B 27 -8.97 -5.06 -16.00
CA ASN B 27 -10.06 -5.54 -16.85
C ASN B 27 -11.27 -5.93 -16.02
N HIS B 28 -11.53 -5.15 -14.98
CA HIS B 28 -12.61 -5.40 -14.04
C HIS B 28 -13.39 -4.10 -13.95
N PHE B 29 -14.71 -4.20 -13.89
CA PHE B 29 -15.54 -3.02 -13.68
C PHE B 29 -16.02 -2.98 -12.23
N VAL B 30 -15.66 -1.92 -11.51
CA VAL B 30 -16.13 -1.73 -10.15
C VAL B 30 -17.52 -1.10 -10.22
N ASP B 31 -18.55 -1.92 -9.97
CA ASP B 31 -19.92 -1.44 -9.96
C ASP B 31 -20.31 -0.77 -8.64
N GLU B 32 -19.69 -1.15 -7.55
CA GLU B 32 -19.98 -0.52 -6.27
C GLU B 32 -19.23 0.80 -6.15
N TYR B 33 -19.73 1.65 -5.24
N TYR B 33 -19.65 1.62 -5.21
CA TYR B 33 -19.16 2.96 -4.94
CA TYR B 33 -19.11 2.96 -5.05
C TYR B 33 -18.28 2.82 -3.71
C TYR B 33 -18.28 2.96 -3.76
N ASP B 34 -16.96 2.84 -3.93
CA ASP B 34 -15.99 2.72 -2.84
C ASP B 34 -15.14 3.98 -2.97
N PRO B 35 -15.54 5.09 -2.37
CA PRO B 35 -14.80 6.34 -2.56
C PRO B 35 -13.35 6.22 -2.13
N THR B 36 -12.46 6.75 -2.96
CA THR B 36 -11.03 6.54 -2.81
C THR B 36 -10.45 7.44 -1.74
N ILE B 37 -9.45 6.91 -1.02
CA ILE B 37 -8.57 7.74 -0.20
C ILE B 37 -7.41 8.16 -1.11
N GLU B 38 -6.57 7.19 -1.50
CA GLU B 38 -5.56 7.40 -2.51
C GLU B 38 -5.02 6.03 -2.88
N ASP B 39 -4.85 5.74 -4.18
CA ASP B 39 -4.31 4.46 -4.60
C ASP B 39 -3.35 4.68 -5.75
N SER B 40 -2.32 3.83 -5.82
CA SER B 40 -1.33 3.86 -6.89
C SER B 40 -1.32 2.52 -7.61
N TYR B 41 -1.14 2.55 -8.92
CA TYR B 41 -1.08 1.35 -9.73
C TYR B 41 0.09 1.44 -10.68
N ARG B 42 0.47 0.27 -11.21
CA ARG B 42 1.60 0.12 -12.11
C ARG B 42 1.19 -0.82 -13.24
N LYS B 43 1.53 -0.45 -14.47
CA LYS B 43 1.24 -1.32 -15.60
C LYS B 43 2.26 -1.08 -16.70
N GLN B 44 2.80 -2.16 -17.27
CA GLN B 44 3.63 -2.03 -18.47
C GLN B 44 2.76 -2.17 -19.71
N VAL B 45 2.99 -1.27 -20.67
CA VAL B 45 2.21 -1.21 -21.91
C VAL B 45 3.15 -0.86 -23.05
N VAL B 46 2.71 -1.14 -24.27
CA VAL B 46 3.42 -0.72 -25.47
C VAL B 46 2.55 0.33 -26.17
N ILE B 47 3.07 1.55 -26.28
CA ILE B 47 2.36 2.65 -26.91
C ILE B 47 3.19 3.14 -28.08
N ASP B 48 2.61 3.08 -29.27
CA ASP B 48 3.31 3.47 -30.50
C ASP B 48 4.64 2.76 -30.62
N GLY B 49 4.65 1.47 -30.29
CA GLY B 49 5.82 0.65 -30.46
C GLY B 49 6.85 0.75 -29.35
N GLU B 50 6.66 1.61 -28.37
CA GLU B 50 7.63 1.79 -27.30
C GLU B 50 7.04 1.30 -25.99
N THR B 51 7.69 0.30 -25.39
CA THR B 51 7.28 -0.22 -24.10
C THR B 51 7.51 0.85 -23.03
N CYS B 52 6.56 0.98 -22.11
CA CYS B 52 6.74 1.92 -21.01
C CYS B 52 5.97 1.42 -19.78
N LEU B 53 6.34 1.97 -18.63
CA LEU B 53 5.73 1.66 -17.36
C LEU B 53 4.86 2.83 -16.96
N LEU B 54 3.57 2.57 -16.77
CA LEU B 54 2.65 3.60 -16.28
C LEU B 54 2.56 3.49 -14.77
N ASP B 55 2.84 4.60 -14.08
CA ASP B 55 2.60 4.72 -12.65
C ASP B 55 1.40 5.66 -12.49
N ILE B 56 0.28 5.12 -12.03
CA ILE B 56 -0.99 5.84 -12.07
C ILE B 56 -1.45 6.11 -10.65
N LEU B 57 -1.63 7.39 -10.34
CA LEU B 57 -2.17 7.82 -9.06
C LEU B 57 -3.66 8.09 -9.21
N ASP B 58 -4.47 7.30 -8.50
CA ASP B 58 -5.92 7.44 -8.48
C ASP B 58 -6.26 8.23 -7.22
N THR B 59 -6.76 9.46 -7.40
CA THR B 59 -6.95 10.38 -6.29
C THR B 59 -8.41 10.47 -5.86
N ALA B 60 -8.62 11.06 -4.69
CA ALA B 60 -9.97 11.21 -4.13
C ALA B 60 -10.66 12.43 -4.75
N GLY B 61 -11.94 12.28 -5.08
CA GLY B 61 -12.73 13.44 -5.47
C GLY B 61 -13.41 14.02 -4.24
N GLN B 62 -12.65 14.59 -3.33
CA GLN B 62 -13.19 15.17 -2.12
C GLN B 62 -12.91 16.67 -2.13
N GLU B 63 -13.98 17.46 -2.13
CA GLU B 63 -13.82 18.92 -2.11
C GLU B 63 -13.02 19.39 -0.91
N GLU B 64 -13.14 18.71 0.23
CA GLU B 64 -12.63 19.23 1.48
C GLU B 64 -11.11 19.33 1.50
N TYR B 65 -10.41 18.50 0.73
CA TYR B 65 -8.98 18.33 0.88
C TYR B 65 -8.19 18.93 -0.27
N SER B 66 -8.70 20.01 -0.87
CA SER B 66 -8.01 20.62 -2.01
C SER B 66 -6.56 20.93 -1.69
N ALA B 67 -6.29 21.40 -0.47
CA ALA B 67 -4.92 21.74 -0.09
C ALA B 67 -4.01 20.53 -0.08
N MET B 68 -4.56 19.33 0.09
CA MET B 68 -3.78 18.11 0.07
C MET B 68 -3.44 17.65 -1.34
N ARG B 69 -4.06 18.25 -2.35
CA ARG B 69 -3.79 17.84 -3.73
C ARG B 69 -2.49 18.42 -4.27
N ASP B 70 -2.00 19.53 -3.70
CA ASP B 70 -0.82 20.17 -4.26
C ASP B 70 0.34 19.21 -4.38
N GLN B 71 0.55 18.38 -3.35
CA GLN B 71 1.74 17.53 -3.31
C GLN B 71 1.76 16.55 -4.48
N TYR B 72 0.61 15.95 -4.81
CA TYR B 72 0.63 14.99 -5.89
C TYR B 72 0.57 15.65 -7.27
N MET B 73 0.08 16.89 -7.35
CA MET B 73 0.16 17.62 -8.60
C MET B 73 1.60 17.99 -8.93
N ARG B 74 2.39 18.33 -7.91
CA ARG B 74 3.80 18.61 -8.16
C ARG B 74 4.49 17.38 -8.75
N THR B 75 4.19 16.20 -8.20
CA THR B 75 4.87 14.97 -8.60
C THR B 75 4.37 14.45 -9.94
N GLY B 76 3.10 14.67 -10.27
CA GLY B 76 2.54 14.09 -11.48
C GLY B 76 3.04 14.77 -12.74
N GLU B 77 3.21 13.96 -13.79
CA GLU B 77 3.64 14.46 -15.08
C GLU B 77 2.49 14.77 -16.02
N GLY B 78 1.38 14.05 -15.91
CA GLY B 78 0.24 14.25 -16.77
C GLY B 78 -1.01 13.94 -16.00
N PHE B 79 -2.12 14.57 -16.40
CA PHE B 79 -3.36 14.50 -15.64
C PHE B 79 -4.54 14.13 -16.51
N LEU B 80 -5.30 13.13 -16.09
CA LEU B 80 -6.64 12.90 -16.61
C LEU B 80 -7.60 13.69 -15.75
N CYS B 81 -8.32 14.63 -16.36
CA CYS B 81 -9.30 15.45 -15.66
C CYS B 81 -10.67 14.91 -16.04
N VAL B 82 -11.32 14.23 -15.11
CA VAL B 82 -12.48 13.41 -15.38
C VAL B 82 -13.73 14.09 -14.84
N PHE B 83 -14.78 14.15 -15.67
CA PHE B 83 -16.12 14.47 -15.19
C PHE B 83 -17.06 13.38 -15.70
N ALA B 84 -18.30 13.37 -15.21
CA ALA B 84 -19.31 12.41 -15.66
C ALA B 84 -20.36 13.13 -16.50
N ILE B 85 -20.73 12.53 -17.63
CA ILE B 85 -21.62 13.21 -18.57
C ILE B 85 -23.04 13.36 -18.06
N ASN B 86 -23.37 12.73 -16.93
CA ASN B 86 -24.67 12.89 -16.29
C ASN B 86 -24.57 13.71 -15.01
N ASN B 87 -23.48 14.46 -14.82
CA ASN B 87 -23.27 15.23 -13.60
C ASN B 87 -22.72 16.59 -14.00
N THR B 88 -23.63 17.56 -14.17
N THR B 88 -23.62 17.57 -14.17
CA THR B 88 -23.22 18.89 -14.59
CA THR B 88 -23.18 18.89 -14.61
C THR B 88 -22.24 19.51 -13.60
C THR B 88 -22.28 19.58 -13.59
N LYS B 89 -22.50 19.32 -12.30
CA LYS B 89 -21.61 19.87 -11.29
C LYS B 89 -20.18 19.35 -11.45
N SER B 90 -20.03 18.06 -11.80
CA SER B 90 -18.69 17.53 -11.99
C SER B 90 -17.99 18.17 -13.19
N PHE B 91 -18.76 18.56 -14.21
CA PHE B 91 -18.18 19.28 -15.35
C PHE B 91 -17.77 20.69 -14.95
N GLU B 92 -18.61 21.36 -14.17
CA GLU B 92 -18.24 22.67 -13.64
C GLU B 92 -17.02 22.58 -12.74
N ASP B 93 -16.84 21.46 -12.03
CA ASP B 93 -15.70 21.30 -11.13
C ASP B 93 -14.37 21.18 -11.87
N ILE B 94 -14.40 20.88 -13.18
CA ILE B 94 -13.17 20.73 -13.93
C ILE B 94 -12.30 21.96 -13.83
N HIS B 95 -12.92 23.14 -13.94
CA HIS B 95 -12.15 24.38 -13.96
C HIS B 95 -11.26 24.48 -12.74
N GLN B 96 -11.79 24.12 -11.56
CA GLN B 96 -11.01 24.24 -10.34
C GLN B 96 -9.81 23.30 -10.36
N TYR B 97 -9.98 22.09 -10.90
N TYR B 97 -9.99 22.08 -10.87
CA TYR B 97 -8.86 21.16 -10.98
CA TYR B 97 -8.88 21.12 -10.93
C TYR B 97 -7.80 21.65 -11.98
C TYR B 97 -7.79 21.61 -11.88
N ARG B 98 -8.23 22.11 -13.15
N ARG B 98 -8.17 22.08 -13.07
CA ARG B 98 -7.28 22.62 -14.13
CA ARG B 98 -7.16 22.55 -14.01
C ARG B 98 -6.52 23.83 -13.59
C ARG B 98 -6.47 23.80 -13.50
N GLU B 99 -7.23 24.75 -12.94
CA GLU B 99 -6.60 25.94 -12.37
C GLU B 99 -5.61 25.58 -11.29
N GLN B 100 -5.97 24.62 -10.43
CA GLN B 100 -5.04 24.20 -9.38
C GLN B 100 -3.78 23.56 -9.98
N ILE B 101 -3.94 22.70 -10.98
CA ILE B 101 -2.78 22.10 -11.63
C ILE B 101 -1.88 23.19 -12.21
N LYS B 102 -2.49 24.15 -12.92
CA LYS B 102 -1.73 25.25 -13.51
C LYS B 102 -0.97 26.02 -12.44
N ARG B 103 -1.64 26.32 -11.32
CA ARG B 103 -1.00 27.10 -10.28
C ARG B 103 0.14 26.32 -9.62
N VAL B 104 -0.14 25.09 -9.22
CA VAL B 104 0.86 24.27 -8.52
C VAL B 104 2.08 24.06 -9.40
N LYS B 105 1.87 23.76 -10.68
CA LYS B 105 2.97 23.48 -11.59
C LYS B 105 3.50 24.73 -12.30
N ASP B 106 2.91 25.90 -12.03
CA ASP B 106 3.33 27.17 -12.62
C ASP B 106 3.49 27.06 -14.14
N SER B 107 2.45 26.54 -14.80
CA SER B 107 2.54 26.28 -16.22
C SER B 107 1.14 26.17 -16.81
N ASP B 108 0.99 26.65 -18.03
CA ASP B 108 -0.25 26.50 -18.79
C ASP B 108 -0.19 25.34 -19.79
N ASP B 109 0.92 24.60 -19.84
CA ASP B 109 1.12 23.56 -20.83
C ASP B 109 1.32 22.18 -20.19
N VAL B 110 0.69 21.94 -19.07
CA VAL B 110 0.82 20.63 -18.39
C VAL B 110 0.12 19.57 -19.24
N PRO B 111 0.76 18.43 -19.51
CA PRO B 111 0.04 17.34 -20.20
C PRO B 111 -1.25 16.97 -19.47
N MET B 112 -2.35 16.97 -20.22
CA MET B 112 -3.67 16.83 -19.64
C MET B 112 -4.65 16.36 -20.71
N VAL B 113 -5.62 15.55 -20.30
CA VAL B 113 -6.70 15.12 -21.17
C VAL B 113 -8.00 15.32 -20.40
N LEU B 114 -9.01 15.92 -21.03
CA LEU B 114 -10.34 16.03 -20.46
C LEU B 114 -11.12 14.77 -20.80
N VAL B 115 -11.68 14.13 -19.78
CA VAL B 115 -12.37 12.86 -19.95
C VAL B 115 -13.81 13.01 -19.52
N GLY B 116 -14.74 12.80 -20.46
CA GLY B 116 -16.15 12.74 -20.14
C GLY B 116 -16.58 11.30 -19.99
N ASN B 117 -16.71 10.85 -18.75
CA ASN B 117 -16.96 9.44 -18.47
C ASN B 117 -18.45 9.17 -18.30
N LYS B 118 -18.80 7.88 -18.30
CA LYS B 118 -20.16 7.38 -18.17
C LYS B 118 -20.97 7.58 -19.44
N CYS B 119 -20.29 7.55 -20.60
N CYS B 119 -20.31 7.55 -20.60
CA CYS B 119 -20.97 7.80 -21.87
CA CYS B 119 -21.03 7.83 -21.83
C CYS B 119 -21.88 6.66 -22.31
C CYS B 119 -21.99 6.72 -22.21
N ASP B 120 -21.95 5.57 -21.54
CA ASP B 120 -22.95 4.54 -21.74
C ASP B 120 -24.33 4.97 -21.26
N LEU B 121 -24.42 6.01 -20.42
CA LEU B 121 -25.69 6.39 -19.81
C LEU B 121 -26.55 7.20 -20.77
N ALA B 122 -27.83 6.87 -20.78
CA ALA B 122 -28.77 7.63 -21.60
C ALA B 122 -29.07 9.01 -21.02
N ALA B 123 -29.03 9.16 -19.70
CA ALA B 123 -29.47 10.39 -19.03
C ALA B 123 -28.33 11.42 -18.98
N ARG B 124 -27.89 11.81 -20.17
CA ARG B 124 -26.81 12.77 -20.30
C ARG B 124 -27.31 14.17 -19.97
N THR B 125 -26.48 14.92 -19.23
CA THR B 125 -26.77 16.31 -18.94
C THR B 125 -25.68 17.26 -19.42
N VAL B 126 -24.50 16.74 -19.79
CA VAL B 126 -23.42 17.56 -20.33
C VAL B 126 -23.32 17.18 -21.81
N GLU B 127 -23.62 18.15 -22.69
CA GLU B 127 -23.56 17.87 -24.12
C GLU B 127 -22.11 17.75 -24.55
N SER B 128 -21.87 16.86 -25.51
CA SER B 128 -20.53 16.73 -26.08
C SER B 128 -19.97 18.07 -26.53
N ARG B 129 -20.80 18.91 -27.13
CA ARG B 129 -20.29 20.17 -27.64
C ARG B 129 -19.76 21.07 -26.52
N GLN B 130 -20.40 21.03 -25.34
CA GLN B 130 -19.93 21.84 -24.22
C GLN B 130 -18.52 21.43 -23.82
N ALA B 131 -18.29 20.12 -23.69
CA ALA B 131 -16.98 19.65 -23.27
C ALA B 131 -15.94 19.83 -24.37
N GLN B 132 -16.34 19.64 -25.63
CA GLN B 132 -15.44 19.92 -26.74
C GLN B 132 -14.99 21.38 -26.71
N ASP B 133 -15.92 22.29 -26.47
CA ASP B 133 -15.55 23.71 -26.38
C ASP B 133 -14.57 23.95 -25.24
N LEU B 134 -14.80 23.32 -24.09
CA LEU B 134 -13.91 23.55 -22.96
C LEU B 134 -12.52 23.03 -23.24
N ALA B 135 -12.43 21.81 -23.80
CA ALA B 135 -11.13 21.24 -24.10
C ALA B 135 -10.40 22.08 -25.13
N ARG B 136 -11.12 22.60 -26.12
CA ARG B 136 -10.49 23.47 -27.11
C ARG B 136 -9.96 24.75 -26.48
N SER B 137 -10.69 25.32 -25.51
CA SER B 137 -10.20 26.51 -24.84
C SER B 137 -8.96 26.22 -23.99
N TYR B 138 -8.83 24.98 -23.52
CA TYR B 138 -7.66 24.59 -22.75
C TYR B 138 -6.51 24.13 -23.65
N GLY B 139 -6.78 23.86 -24.93
CA GLY B 139 -5.77 23.28 -25.80
C GLY B 139 -5.42 21.84 -25.50
N ILE B 140 -6.39 21.03 -25.08
CA ILE B 140 -6.12 19.65 -24.69
C ILE B 140 -7.12 18.74 -25.37
N PRO B 141 -6.80 17.44 -25.50
CA PRO B 141 -7.76 16.50 -26.09
C PRO B 141 -8.95 16.29 -25.17
N TYR B 142 -10.10 15.98 -25.77
CA TYR B 142 -11.31 15.55 -25.08
C TYR B 142 -11.64 14.14 -25.55
N ILE B 143 -11.81 13.23 -24.60
CA ILE B 143 -12.14 11.83 -24.89
C ILE B 143 -13.33 11.44 -24.05
N GLU B 144 -14.36 10.89 -24.70
CA GLU B 144 -15.49 10.32 -23.98
C GLU B 144 -15.24 8.85 -23.70
N THR B 145 -15.56 8.43 -22.48
CA THR B 145 -15.25 7.09 -22.03
C THR B 145 -16.46 6.48 -21.35
N SER B 146 -16.43 5.14 -21.24
CA SER B 146 -17.29 4.43 -20.32
C SER B 146 -16.44 3.36 -19.65
N ALA B 147 -16.23 3.49 -18.36
CA ALA B 147 -15.59 2.40 -17.64
C ALA B 147 -16.47 1.16 -17.65
N LYS B 148 -17.79 1.33 -17.74
CA LYS B 148 -18.70 0.19 -17.67
C LYS B 148 -18.59 -0.68 -18.91
N THR B 149 -18.49 -0.07 -20.10
CA THR B 149 -18.32 -0.83 -21.34
C THR B 149 -16.88 -0.86 -21.82
N ARG B 150 -15.98 -0.17 -21.14
CA ARG B 150 -14.56 -0.04 -21.49
C ARG B 150 -14.33 0.84 -22.71
N GLN B 151 -15.34 1.53 -23.21
CA GLN B 151 -15.16 2.42 -24.34
C GLN B 151 -14.18 3.52 -23.98
N GLY B 152 -13.15 3.69 -24.82
CA GLY B 152 -12.24 4.82 -24.69
C GLY B 152 -11.26 4.78 -23.55
N VAL B 153 -11.23 3.72 -22.74
CA VAL B 153 -10.40 3.71 -21.54
C VAL B 153 -8.92 3.74 -21.90
N GLU B 154 -8.48 2.81 -22.73
CA GLU B 154 -7.09 2.83 -23.16
C GLU B 154 -6.77 4.11 -23.92
N ASP B 155 -7.70 4.56 -24.76
CA ASP B 155 -7.46 5.80 -25.52
C ASP B 155 -7.19 6.96 -24.58
N ALA B 156 -7.95 7.09 -23.50
CA ALA B 156 -7.75 8.21 -22.59
C ALA B 156 -6.35 8.17 -21.98
N PHE B 157 -5.94 7.02 -21.45
CA PHE B 157 -4.64 6.92 -20.80
C PHE B 157 -3.50 7.02 -21.81
N TYR B 158 -3.64 6.36 -22.96
CA TYR B 158 -2.57 6.38 -23.94
C TYR B 158 -2.42 7.74 -24.58
N THR B 159 -3.55 8.44 -24.79
CA THR B 159 -3.48 9.82 -25.27
C THR B 159 -2.72 10.69 -24.29
N LEU B 160 -2.97 10.49 -23.00
CA LEU B 160 -2.21 11.23 -21.99
C LEU B 160 -0.72 10.96 -22.10
N VAL B 161 -0.32 9.69 -22.28
CA VAL B 161 1.10 9.38 -22.47
C VAL B 161 1.64 10.14 -23.68
N ARG B 162 0.89 10.14 -24.79
CA ARG B 162 1.35 10.87 -25.96
C ARG B 162 1.47 12.37 -25.68
N GLU B 163 0.57 12.92 -24.87
CA GLU B 163 0.69 14.33 -24.50
C GLU B 163 1.97 14.59 -23.72
N ILE B 164 2.36 13.67 -22.83
CA ILE B 164 3.62 13.81 -22.12
C ILE B 164 4.79 13.70 -23.09
N ARG B 165 4.76 12.68 -23.96
CA ARG B 165 5.86 12.47 -24.89
C ARG B 165 6.07 13.66 -25.81
N GLN B 166 5.01 14.40 -26.11
CA GLN B 166 5.07 15.53 -27.05
C GLN B 166 5.15 16.87 -26.35
N HIS B 167 5.45 16.89 -25.05
CA HIS B 167 5.43 18.11 -24.25
C HIS B 167 6.74 18.88 -24.30
N MET C 2 -32.97 12.17 27.86
CA MET C 2 -32.98 10.77 28.25
C MET C 2 -31.58 10.26 28.60
N VAL C 3 -31.50 9.00 28.97
CA VAL C 3 -30.27 8.40 29.50
C VAL C 3 -29.40 7.93 28.35
N ASN C 4 -28.10 8.20 28.46
CA ASN C 4 -27.14 7.74 27.46
C ASN C 4 -26.78 6.28 27.72
N PRO C 5 -27.03 5.37 26.78
CA PRO C 5 -26.63 3.98 26.95
C PRO C 5 -25.15 3.79 26.66
N THR C 6 -24.63 2.67 27.13
CA THR C 6 -23.25 2.27 26.87
C THR C 6 -23.26 0.95 26.14
N VAL C 7 -22.45 0.85 25.08
CA VAL C 7 -22.29 -0.40 24.36
C VAL C 7 -20.80 -0.75 24.31
N PHE C 8 -20.51 -1.98 23.89
CA PHE C 8 -19.14 -2.45 23.84
C PHE C 8 -18.89 -3.22 22.57
N PHE C 9 -17.63 -3.16 22.12
CA PHE C 9 -17.08 -4.05 21.11
C PHE C 9 -15.92 -4.80 21.73
N ASP C 10 -15.88 -6.11 21.52
CA ASP C 10 -14.67 -6.90 21.76
C ASP C 10 -13.93 -7.05 20.43
N ILE C 11 -12.75 -6.46 20.35
CA ILE C 11 -11.98 -6.38 19.12
C ILE C 11 -11.02 -7.56 19.05
N ALA C 12 -10.87 -8.14 17.86
CA ALA C 12 -9.89 -9.20 17.61
C ALA C 12 -9.03 -8.82 16.42
N VAL C 13 -7.81 -9.37 16.42
CA VAL C 13 -6.83 -9.14 15.37
C VAL C 13 -6.48 -10.52 14.80
N ASP C 14 -6.82 -10.74 13.53
CA ASP C 14 -6.70 -12.08 12.92
C ASP C 14 -7.26 -13.17 13.83
N GLY C 15 -8.39 -12.87 14.47
CA GLY C 15 -9.08 -13.80 15.33
C GLY C 15 -8.58 -13.86 16.77
N GLU C 16 -7.47 -13.18 17.08
CA GLU C 16 -6.91 -13.20 18.44
C GLU C 16 -7.49 -12.02 19.21
N PRO C 17 -8.04 -12.23 20.40
CA PRO C 17 -8.65 -11.11 21.14
C PRO C 17 -7.63 -10.01 21.40
N LEU C 18 -8.03 -8.77 21.16
CA LEU C 18 -7.21 -7.61 21.45
C LEU C 18 -7.67 -6.92 22.74
N GLY C 19 -8.94 -6.53 22.79
CA GLY C 19 -9.46 -5.92 24.00
C GLY C 19 -10.84 -5.37 23.74
N ARG C 20 -11.43 -4.82 24.80
CA ARG C 20 -12.77 -4.26 24.75
C ARG C 20 -12.72 -2.74 24.64
N VAL C 21 -13.57 -2.19 23.78
CA VAL C 21 -13.82 -0.77 23.72
C VAL C 21 -15.29 -0.56 24.08
N SER C 22 -15.56 0.32 25.03
N SER C 22 -15.54 0.35 25.00
CA SER C 22 -16.94 0.67 25.33
CA SER C 22 -16.89 0.72 25.41
C SER C 22 -17.18 2.12 24.93
C SER C 22 -17.17 2.14 24.95
N PHE C 23 -18.44 2.42 24.63
CA PHE C 23 -18.82 3.73 24.13
C PHE C 23 -20.04 4.23 24.88
N GLU C 24 -20.00 5.51 25.26
CA GLU C 24 -21.20 6.20 25.68
C GLU C 24 -21.87 6.74 24.43
N LEU C 25 -23.17 6.49 24.27
CA LEU C 25 -23.90 6.98 23.12
C LEU C 25 -24.75 8.17 23.56
N PHE C 26 -24.62 9.28 22.83
CA PHE C 26 -25.23 10.55 23.25
C PHE C 26 -26.70 10.61 22.82
N ALA C 27 -27.49 9.69 23.40
CA ALA C 27 -28.92 9.70 23.16
C ALA C 27 -29.58 10.99 23.61
N ASP C 28 -28.94 11.72 24.54
CA ASP C 28 -29.46 12.99 25.03
C ASP C 28 -29.31 14.13 24.03
N LYS C 29 -28.64 13.91 22.90
CA LYS C 29 -28.49 14.91 21.84
C LYS C 29 -28.91 14.36 20.47
N VAL C 30 -28.62 13.10 20.18
CA VAL C 30 -28.91 12.49 18.89
C VAL C 30 -29.58 11.15 19.17
N PRO C 31 -30.81 11.15 19.67
CA PRO C 31 -31.44 9.88 20.08
C PRO C 31 -31.61 8.89 18.94
N LYS C 32 -31.96 9.35 17.74
CA LYS C 32 -32.19 8.40 16.65
CA LYS C 32 -32.19 8.41 16.65
C LYS C 32 -30.88 7.77 16.19
N THR C 33 -29.82 8.55 16.13
CA THR C 33 -28.52 8.03 15.71
C THR C 33 -27.94 7.13 16.79
N ALA C 34 -28.08 7.53 18.06
CA ALA C 34 -27.62 6.66 19.13
C ALA C 34 -28.37 5.34 19.14
N GLU C 35 -29.69 5.38 18.94
CA GLU C 35 -30.47 4.15 18.99
C GLU C 35 -30.08 3.19 17.86
N ASN C 36 -29.82 3.73 16.68
CA ASN C 36 -29.34 2.89 15.58
C ASN C 36 -28.09 2.12 15.98
N PHE C 37 -27.09 2.84 16.51
CA PHE C 37 -25.84 2.19 16.86
C PHE C 37 -26.03 1.20 18.01
N ARG C 38 -26.87 1.57 18.99
CA ARG C 38 -27.15 0.66 20.11
C ARG C 38 -27.76 -0.64 19.60
N ALA C 39 -28.80 -0.53 18.78
CA ALA C 39 -29.48 -1.73 18.30
C ALA C 39 -28.57 -2.56 17.39
N LEU C 40 -27.74 -1.90 16.57
CA LEU C 40 -26.81 -2.66 15.74
C LEU C 40 -25.77 -3.36 16.58
N SER C 41 -25.43 -2.78 17.74
CA SER C 41 -24.47 -3.40 18.66
C SER C 41 -25.07 -4.59 19.39
N THR C 42 -26.36 -4.57 19.73
CA THR C 42 -26.95 -5.74 20.36
C THR C 42 -27.36 -6.79 19.34
N GLY C 43 -27.54 -6.40 18.08
CA GLY C 43 -28.09 -7.29 17.08
C GLY C 43 -29.56 -7.59 17.22
N GLU C 44 -30.28 -6.86 18.08
CA GLU C 44 -31.65 -7.23 18.43
C GLU C 44 -32.63 -7.12 17.26
N LYS C 45 -32.25 -6.48 16.16
CA LYS C 45 -33.12 -6.42 14.98
C LYS C 45 -32.87 -7.57 14.02
N GLY C 46 -31.91 -8.44 14.31
CA GLY C 46 -31.58 -9.54 13.44
C GLY C 46 -30.34 -9.35 12.60
N PHE C 47 -29.67 -8.19 12.72
CA PHE C 47 -28.46 -7.89 11.99
C PHE C 47 -27.69 -6.87 12.82
N GLY C 48 -26.42 -6.67 12.47
CA GLY C 48 -25.65 -5.69 13.21
C GLY C 48 -24.16 -5.97 13.11
N TYR C 49 -23.42 -5.33 14.02
CA TYR C 49 -21.98 -5.21 13.91
C TYR C 49 -21.22 -6.50 14.20
N LYS C 50 -21.81 -7.43 14.96
CA LYS C 50 -21.06 -8.60 15.37
C LYS C 50 -20.47 -9.31 14.16
N GLY C 51 -19.16 -9.56 14.18
CA GLY C 51 -18.49 -10.25 13.11
C GLY C 51 -17.97 -9.38 11.99
N SER C 52 -18.32 -8.10 11.97
CA SER C 52 -17.85 -7.21 10.92
C SER C 52 -16.46 -6.68 11.26
N CYS C 53 -15.83 -6.01 10.31
N CYS C 53 -15.86 -5.98 10.31
CA CYS C 53 -14.45 -5.61 10.46
CA CYS C 53 -14.47 -5.58 10.41
C CYS C 53 -14.28 -4.10 10.40
C CYS C 53 -14.32 -4.07 10.48
N PHE C 54 -13.14 -3.63 10.90
CA PHE C 54 -12.70 -2.25 10.72
C PHE C 54 -11.91 -2.25 9.43
N HIS C 55 -12.51 -1.74 8.35
CA HIS C 55 -11.95 -1.85 7.02
C HIS C 55 -10.94 -0.74 6.71
N ARG C 56 -10.96 0.36 7.45
CA ARG C 56 -10.09 1.48 7.15
C ARG C 56 -9.53 2.01 8.46
N ILE C 57 -8.21 1.97 8.60
CA ILE C 57 -7.54 2.50 9.79
C ILE C 57 -6.41 3.38 9.29
N ILE C 58 -6.50 4.67 9.60
CA ILE C 58 -5.52 5.64 9.16
C ILE C 58 -4.87 6.24 10.39
N PRO C 59 -3.65 5.81 10.74
CA PRO C 59 -3.04 6.27 11.99
C PRO C 59 -2.89 7.78 12.01
N GLY C 60 -3.18 8.35 13.17
CA GLY C 60 -3.21 9.79 13.33
C GLY C 60 -4.56 10.41 13.05
N PHE C 61 -5.53 9.62 12.57
CA PHE C 61 -6.83 10.17 12.20
C PHE C 61 -8.02 9.39 12.76
N MET C 62 -8.24 8.15 12.30
N MET C 62 -8.25 8.16 12.29
CA MET C 62 -9.44 7.46 12.74
CA MET C 62 -9.47 7.48 12.70
C MET C 62 -9.41 5.99 12.34
C MET C 62 -9.42 6.00 12.31
N CYS C 63 -10.31 5.24 12.97
CA CYS C 63 -10.60 3.84 12.62
C CYS C 63 -12.05 3.78 12.19
N GLN C 64 -12.32 3.20 11.02
CA GLN C 64 -13.66 3.17 10.46
C GLN C 64 -14.11 1.74 10.21
N GLY C 65 -15.37 1.45 10.52
CA GLY C 65 -15.93 0.14 10.36
C GLY C 65 -17.42 0.21 10.12
N GLY C 66 -18.10 -0.92 10.33
CA GLY C 66 -19.55 -0.95 10.31
C GLY C 66 -20.21 -1.50 9.08
N ASP C 67 -19.45 -1.98 8.09
CA ASP C 67 -20.08 -2.55 6.90
C ASP C 67 -20.33 -4.04 7.14
N PHE C 68 -21.49 -4.36 7.71
CA PHE C 68 -21.84 -5.74 7.97
C PHE C 68 -22.71 -6.35 6.87
N THR C 69 -23.02 -5.61 5.80
CA THR C 69 -23.79 -6.17 4.71
C THR C 69 -22.93 -6.64 3.55
N ARG C 70 -21.88 -5.89 3.21
CA ARG C 70 -21.00 -6.27 2.12
C ARG C 70 -19.59 -6.61 2.57
N HIS C 71 -19.20 -6.22 3.77
CA HIS C 71 -17.87 -6.50 4.31
C HIS C 71 -16.77 -6.00 3.39
N ASN C 72 -16.99 -4.88 2.72
CA ASN C 72 -15.97 -4.35 1.83
C ASN C 72 -15.81 -2.84 1.90
N GLY C 73 -16.49 -2.17 2.83
CA GLY C 73 -16.38 -0.73 2.98
C GLY C 73 -17.41 0.05 2.18
N THR C 74 -18.21 -0.61 1.35
CA THR C 74 -19.22 0.10 0.57
C THR C 74 -20.64 -0.05 1.13
N GLY C 75 -20.87 -0.99 2.04
CA GLY C 75 -22.21 -1.32 2.48
C GLY C 75 -22.59 -0.86 3.87
N GLY C 76 -23.50 -1.61 4.48
CA GLY C 76 -24.10 -1.26 5.74
C GLY C 76 -25.54 -0.79 5.54
N LYS C 77 -26.30 -0.84 6.64
CA LYS C 77 -27.67 -0.35 6.63
C LYS C 77 -28.04 0.01 8.06
N SER C 78 -29.02 0.91 8.19
CA SER C 78 -29.49 1.30 9.50
C SER C 78 -30.70 0.45 9.91
N ILE C 79 -31.11 0.62 11.16
CA ILE C 79 -32.33 -0.04 11.63
C ILE C 79 -33.58 0.60 11.06
N TYR C 80 -33.44 1.71 10.34
CA TYR C 80 -34.56 2.48 9.79
C TYR C 80 -34.73 2.28 8.29
N GLY C 81 -33.87 1.49 7.67
CA GLY C 81 -33.75 1.42 6.24
C GLY C 81 -32.33 1.61 5.80
N GLU C 82 -32.13 1.60 4.48
CA GLU C 82 -30.77 1.67 3.95
C GLU C 82 -30.04 2.92 4.45
N LYS C 83 -30.73 4.06 4.48
CA LYS C 83 -30.09 5.28 4.94
C LYS C 83 -31.07 6.10 5.78
N PHE C 84 -30.52 6.99 6.59
CA PHE C 84 -31.33 7.92 7.35
C PHE C 84 -30.65 9.29 7.40
N GLU C 85 -31.46 10.28 7.72
CA GLU C 85 -31.04 11.66 7.63
C GLU C 85 -30.02 12.01 8.72
N ASP C 86 -29.24 13.04 8.45
CA ASP C 86 -28.37 13.63 9.45
C ASP C 86 -29.22 14.26 10.55
N GLU C 87 -29.11 13.71 11.76
CA GLU C 87 -30.05 14.09 12.82
C GLU C 87 -29.77 15.52 13.30
N ASN C 88 -28.50 15.83 13.55
CA ASN C 88 -28.02 17.17 13.80
C ASN C 88 -26.50 17.12 13.85
N PHE C 89 -25.89 18.30 13.95
CA PHE C 89 -24.46 18.44 14.11
C PHE C 89 -24.11 19.20 15.39
N ILE C 90 -24.86 18.94 16.46
CA ILE C 90 -24.64 19.64 17.71
C ILE C 90 -23.24 19.35 18.23
N LEU C 91 -22.82 18.09 18.20
CA LEU C 91 -21.54 17.68 18.76
C LEU C 91 -20.46 17.66 17.67
N LYS C 92 -19.23 17.79 18.13
CA LYS C 92 -18.11 18.04 17.26
C LYS C 92 -17.01 16.99 17.45
N HIS C 93 -16.13 16.92 16.45
CA HIS C 93 -15.03 15.96 16.44
C HIS C 93 -13.87 16.62 17.19
N THR C 94 -13.96 16.60 18.52
CA THR C 94 -13.10 17.42 19.36
C THR C 94 -11.76 16.78 19.67
N GLY C 95 -11.61 15.47 19.49
CA GLY C 95 -10.39 14.81 19.87
C GLY C 95 -10.50 13.31 19.81
N PRO C 96 -9.47 12.64 20.29
CA PRO C 96 -9.47 11.17 20.27
C PRO C 96 -10.66 10.62 21.04
N GLY C 97 -11.24 9.57 20.50
CA GLY C 97 -12.31 8.86 21.15
C GLY C 97 -13.70 9.23 20.64
N ILE C 98 -13.82 10.28 19.83
CA ILE C 98 -15.14 10.66 19.34
C ILE C 98 -15.66 9.60 18.37
N LEU C 99 -16.92 9.24 18.52
CA LEU C 99 -17.59 8.25 17.68
C LEU C 99 -18.60 8.99 16.80
N SER C 100 -18.54 8.76 15.49
CA SER C 100 -19.28 9.59 14.54
C SER C 100 -19.67 8.73 13.35
N MET C 101 -20.69 9.18 12.62
CA MET C 101 -21.20 8.40 11.49
C MET C 101 -20.40 8.66 10.23
N ALA C 102 -20.02 7.58 9.54
CA ALA C 102 -19.54 7.71 8.18
C ALA C 102 -20.71 8.05 7.27
N ASN C 103 -20.40 8.59 6.10
CA ASN C 103 -21.48 8.85 5.15
C ASN C 103 -20.90 9.05 3.75
N ALA C 104 -21.80 9.14 2.79
CA ALA C 104 -21.49 9.40 1.40
C ALA C 104 -22.17 10.69 0.95
N GLY C 105 -22.16 11.69 1.84
CA GLY C 105 -22.81 12.95 1.57
C GLY C 105 -23.99 13.16 2.49
N PRO C 106 -24.71 14.27 2.31
CA PRO C 106 -25.82 14.58 3.23
C PRO C 106 -26.87 13.48 3.28
N ASN C 107 -27.31 13.17 4.50
CA ASN C 107 -28.47 12.30 4.73
C ASN C 107 -28.26 10.90 4.18
N THR C 108 -27.07 10.34 4.38
CA THR C 108 -26.77 9.00 3.91
C THR C 108 -26.25 8.10 5.03
N ASN C 109 -26.65 8.36 6.26
CA ASN C 109 -26.23 7.52 7.36
C ASN C 109 -26.78 6.11 7.24
N GLY C 110 -25.91 5.13 7.47
CA GLY C 110 -26.34 3.74 7.46
C GLY C 110 -25.90 3.06 8.73
N SER C 111 -24.85 2.27 8.63
CA SER C 111 -24.25 1.66 9.81
C SER C 111 -22.77 1.98 9.94
N GLN C 112 -22.11 2.42 8.89
CA GLN C 112 -20.69 2.68 9.02
C GLN C 112 -20.43 3.85 9.96
N PHE C 113 -19.34 3.75 10.71
CA PHE C 113 -19.02 4.70 11.75
C PHE C 113 -17.51 4.82 11.78
N PHE C 114 -17.02 5.82 12.51
CA PHE C 114 -15.60 5.93 12.73
C PHE C 114 -15.33 6.41 14.14
N ILE C 115 -14.15 6.06 14.64
CA ILE C 115 -13.67 6.48 15.95
C ILE C 115 -12.46 7.35 15.69
N CYS C 116 -12.52 8.61 16.11
CA CYS C 116 -11.39 9.50 15.94
C CYS C 116 -10.23 9.08 16.83
N THR C 117 -9.01 9.24 16.33
CA THR C 117 -7.82 9.08 17.16
C THR C 117 -7.10 10.41 17.30
N ALA C 118 -7.70 11.48 16.78
CA ALA C 118 -7.21 12.85 16.89
C ALA C 118 -8.41 13.74 16.58
N LYS C 119 -8.26 15.02 16.90
CA LYS C 119 -9.28 16.00 16.53
C LYS C 119 -9.38 16.09 15.01
N THR C 120 -10.61 16.06 14.48
CA THR C 120 -10.83 16.11 13.03
C THR C 120 -11.90 17.15 12.75
N GLU C 121 -11.57 18.42 13.04
CA GLU C 121 -12.59 19.47 13.04
C GLU C 121 -13.16 19.75 11.65
N TRP C 122 -12.45 19.39 10.59
CA TRP C 122 -12.97 19.59 9.24
C TRP C 122 -14.17 18.69 8.93
N LEU C 123 -14.46 17.71 9.78
CA LEU C 123 -15.66 16.90 9.64
C LEU C 123 -16.85 17.48 10.39
N ASP C 124 -16.64 18.51 11.20
CA ASP C 124 -17.74 19.11 11.94
C ASP C 124 -18.76 19.68 10.97
N GLY C 125 -20.03 19.42 11.24
CA GLY C 125 -21.09 19.88 10.37
C GLY C 125 -21.35 19.00 9.18
N LYS C 126 -20.55 17.94 8.99
CA LYS C 126 -20.71 17.00 7.89
C LYS C 126 -20.98 15.58 8.35
N HIS C 127 -20.40 15.16 9.47
CA HIS C 127 -20.61 13.85 10.05
C HIS C 127 -21.27 14.01 11.40
N VAL C 128 -22.29 13.20 11.67
CA VAL C 128 -23.04 13.27 12.92
C VAL C 128 -22.26 12.57 14.03
N VAL C 129 -21.78 13.34 14.99
CA VAL C 129 -21.14 12.81 16.18
C VAL C 129 -22.21 12.31 17.14
N PHE C 130 -22.05 11.08 17.65
CA PHE C 130 -23.10 10.52 18.49
C PHE C 130 -22.60 9.74 19.69
N GLY C 131 -21.29 9.69 19.95
CA GLY C 131 -20.82 9.00 21.14
C GLY C 131 -19.36 9.26 21.36
N LYS C 132 -18.83 8.58 22.37
CA LYS C 132 -17.40 8.65 22.63
C LYS C 132 -16.96 7.37 23.30
N VAL C 133 -15.68 7.05 23.11
CA VAL C 133 -15.07 5.95 23.83
C VAL C 133 -15.14 6.24 25.31
N LYS C 134 -15.65 5.27 26.08
CA LYS C 134 -15.72 5.34 27.53
C LYS C 134 -14.51 4.64 28.12
N GLU C 135 -14.36 3.35 27.84
CA GLU C 135 -13.20 2.58 28.26
C GLU C 135 -12.57 1.95 27.03
N GLY C 136 -11.26 1.70 27.12
CA GLY C 136 -10.57 1.01 26.05
C GLY C 136 -10.01 1.89 24.96
N MET C 137 -9.78 3.18 25.23
CA MET C 137 -9.10 3.98 24.21
C MET C 137 -7.74 3.39 23.85
N ASN C 138 -7.06 2.72 24.80
CA ASN C 138 -5.79 2.10 24.47
C ASN C 138 -5.95 1.01 23.42
N ILE C 139 -7.13 0.39 23.35
CA ILE C 139 -7.40 -0.61 22.32
C ILE C 139 -7.57 0.05 20.96
N VAL C 140 -8.26 1.19 20.92
CA VAL C 140 -8.35 1.95 19.67
C VAL C 140 -6.95 2.39 19.22
N GLU C 141 -6.13 2.86 20.16
CA GLU C 141 -4.76 3.22 19.81
C GLU C 141 -4.02 2.01 19.26
N ALA C 142 -4.20 0.85 19.87
CA ALA C 142 -3.53 -0.37 19.40
C ALA C 142 -4.00 -0.76 18.01
N MET C 143 -5.25 -0.47 17.67
CA MET C 143 -5.72 -0.77 16.32
C MET C 143 -4.92 -0.02 15.27
N GLU C 144 -4.38 1.16 15.61
CA GLU C 144 -3.56 1.89 14.65
C GLU C 144 -2.28 1.15 14.28
N ARG C 145 -1.88 0.13 15.06
CA ARG C 145 -0.71 -0.67 14.69
C ARG C 145 -0.88 -1.26 13.30
N PHE C 146 -2.12 -1.47 12.86
CA PHE C 146 -2.38 -2.26 11.66
C PHE C 146 -2.99 -1.44 10.56
N GLY C 147 -2.93 -0.11 10.66
CA GLY C 147 -3.42 0.76 9.62
C GLY C 147 -2.31 1.19 8.69
N SER C 148 -2.66 2.14 7.82
CA SER C 148 -1.72 2.65 6.83
C SER C 148 -2.22 4.01 6.35
N ARG C 149 -1.38 4.66 5.54
CA ARG C 149 -1.69 6.00 5.05
C ARG C 149 -3.02 6.06 4.32
N ASN C 150 -3.30 5.07 3.45
CA ASN C 150 -4.59 5.08 2.76
C ASN C 150 -5.66 4.28 3.45
N GLY C 151 -5.37 3.69 4.62
CA GLY C 151 -6.36 3.04 5.45
C GLY C 151 -6.43 1.54 5.30
N LYS C 152 -5.79 0.96 4.29
CA LYS C 152 -5.81 -0.48 4.16
C LYS C 152 -5.17 -1.10 5.39
N THR C 153 -5.81 -2.12 5.94
CA THR C 153 -5.31 -2.74 7.16
C THR C 153 -4.41 -3.93 6.81
N SER C 154 -3.40 -4.16 7.66
CA SER C 154 -2.44 -5.23 7.42
C SER C 154 -2.79 -6.51 8.15
N LYS C 155 -3.77 -6.47 9.04
CA LYS C 155 -4.35 -7.65 9.66
C LYS C 155 -5.85 -7.43 9.71
N LYS C 156 -6.60 -8.51 9.89
CA LYS C 156 -8.05 -8.40 9.90
C LYS C 156 -8.52 -8.01 11.29
N ILE C 157 -9.11 -6.82 11.40
CA ILE C 157 -9.53 -6.27 12.68
C ILE C 157 -11.04 -6.44 12.77
N THR C 158 -11.51 -7.28 13.67
CA THR C 158 -12.94 -7.60 13.70
C THR C 158 -13.58 -7.26 15.03
N ILE C 159 -14.90 -7.07 14.98
CA ILE C 159 -15.73 -6.95 16.15
C ILE C 159 -16.16 -8.38 16.45
N ALA C 160 -15.40 -9.05 17.33
CA ALA C 160 -15.69 -10.46 17.61
C ALA C 160 -16.99 -10.61 18.39
N ASP C 161 -17.32 -9.63 19.20
CA ASP C 161 -18.57 -9.62 19.95
C ASP C 161 -18.91 -8.17 20.23
N CYS C 162 -20.19 -7.91 20.48
CA CYS C 162 -20.62 -6.57 20.83
C CYS C 162 -21.96 -6.68 21.51
N GLY C 163 -22.31 -5.64 22.24
CA GLY C 163 -23.56 -5.64 22.96
C GLY C 163 -23.70 -4.38 23.78
N GLN C 164 -24.69 -4.40 24.67
CA GLN C 164 -25.02 -3.27 25.50
C GLN C 164 -24.63 -3.59 26.94
N LEU C 165 -24.00 -2.63 27.60
CA LEU C 165 -23.63 -2.73 29.01
C LEU C 165 -24.62 -2.05 29.93
N GLU C 166 -25.14 -0.90 29.53
CA GLU C 166 -26.01 -0.09 30.38
C GLU C 166 -27.00 0.67 29.50
N VAL D 3 15.17 -35.41 -23.06
CA VAL D 3 13.96 -34.60 -23.16
C VAL D 3 13.68 -33.81 -21.87
N ASN D 4 13.74 -32.49 -21.96
CA ASN D 4 13.50 -31.65 -20.79
C ASN D 4 12.05 -31.82 -20.33
N PRO D 5 11.82 -31.89 -19.02
CA PRO D 5 10.44 -32.05 -18.53
C PRO D 5 9.66 -30.74 -18.67
N THR D 6 8.34 -30.90 -18.68
CA THR D 6 7.41 -29.78 -18.72
C THR D 6 6.49 -29.88 -17.52
N VAL D 7 6.28 -28.77 -16.83
CA VAL D 7 5.36 -28.73 -15.71
C VAL D 7 4.35 -27.63 -15.96
N PHE D 8 3.21 -27.72 -15.28
CA PHE D 8 2.17 -26.72 -15.43
C PHE D 8 1.75 -26.21 -14.05
N PHE D 9 1.29 -24.95 -14.03
CA PHE D 9 0.56 -24.37 -12.92
C PHE D 9 -0.81 -23.93 -13.45
N ASP D 10 -1.88 -24.33 -12.75
CA ASP D 10 -3.20 -23.72 -12.95
C ASP D 10 -3.33 -22.60 -11.95
N ILE D 11 -3.42 -21.37 -12.43
CA ILE D 11 -3.42 -20.18 -11.60
C ILE D 11 -4.85 -19.80 -11.29
N ALA D 12 -5.10 -19.37 -10.05
CA ALA D 12 -6.39 -18.84 -9.66
C ALA D 12 -6.20 -17.46 -9.04
N VAL D 13 -7.24 -16.63 -9.14
CA VAL D 13 -7.26 -15.28 -8.57
C VAL D 13 -8.43 -15.24 -7.61
N ASP D 14 -8.14 -15.08 -6.32
CA ASP D 14 -9.18 -15.17 -5.29
C ASP D 14 -10.03 -16.43 -5.47
N GLY D 15 -9.37 -17.53 -5.80
CA GLY D 15 -10.04 -18.80 -5.94
C GLY D 15 -10.68 -19.03 -7.28
N GLU D 16 -10.69 -18.03 -8.16
CA GLU D 16 -11.35 -18.31 -9.44
C GLU D 16 -10.30 -18.57 -10.52
N PRO D 17 -10.56 -19.54 -11.40
CA PRO D 17 -9.58 -19.90 -12.43
C PRO D 17 -9.19 -18.71 -13.29
N LEU D 18 -7.88 -18.59 -13.52
CA LEU D 18 -7.32 -17.65 -14.48
C LEU D 18 -6.81 -18.36 -15.72
N GLY D 19 -6.02 -19.41 -15.54
CA GLY D 19 -5.54 -20.18 -16.66
C GLY D 19 -4.26 -20.91 -16.31
N ARG D 20 -3.76 -21.62 -17.30
CA ARG D 20 -2.64 -22.52 -17.14
C ARG D 20 -1.38 -21.95 -17.77
N VAL D 21 -0.29 -21.96 -17.02
CA VAL D 21 1.02 -21.66 -17.56
CA VAL D 21 1.04 -21.65 -17.51
C VAL D 21 1.85 -22.93 -17.47
N SER D 22 2.56 -23.23 -18.55
CA SER D 22 3.46 -24.37 -18.54
CA SER D 22 3.45 -24.38 -18.57
C SER D 22 4.88 -23.89 -18.73
N PHE D 23 5.82 -24.69 -18.23
CA PHE D 23 7.23 -24.35 -18.24
C PHE D 23 8.03 -25.53 -18.75
N GLU D 24 9.01 -25.23 -19.60
CA GLU D 24 10.09 -26.16 -19.89
C GLU D 24 11.15 -25.98 -18.82
N LEU D 25 11.62 -27.09 -18.25
CA LEU D 25 12.69 -27.04 -17.25
C LEU D 25 13.96 -27.54 -17.91
N PHE D 26 15.02 -26.72 -17.83
CA PHE D 26 16.27 -26.99 -18.57
C PHE D 26 17.13 -28.02 -17.84
N ALA D 27 16.59 -29.24 -17.74
CA ALA D 27 17.32 -30.31 -17.10
C ALA D 27 18.64 -30.61 -17.81
N ASP D 28 18.74 -30.29 -19.10
CA ASP D 28 19.96 -30.54 -19.84
C ASP D 28 21.10 -29.60 -19.43
N LYS D 29 20.79 -28.47 -18.81
CA LYS D 29 21.79 -27.51 -18.37
C LYS D 29 21.89 -27.39 -16.87
N VAL D 30 20.78 -27.51 -16.16
CA VAL D 30 20.74 -27.36 -14.71
C VAL D 30 19.90 -28.48 -14.15
N PRO D 31 20.39 -29.71 -14.20
CA PRO D 31 19.55 -30.85 -13.80
C PRO D 31 19.12 -30.82 -12.35
N LYS D 32 20.00 -30.44 -11.42
CA LYS D 32 19.61 -30.45 -10.02
C LYS D 32 18.53 -29.42 -9.76
N THR D 33 18.67 -28.24 -10.35
CA THR D 33 17.69 -27.20 -10.11
C THR D 33 16.38 -27.51 -10.80
N ALA D 34 16.45 -28.04 -12.03
CA ALA D 34 15.24 -28.44 -12.73
C ALA D 34 14.49 -29.52 -11.97
N GLU D 35 15.22 -30.51 -11.42
CA GLU D 35 14.56 -31.62 -10.75
C GLU D 35 13.85 -31.15 -9.49
N ASN D 36 14.47 -30.23 -8.74
CA ASN D 36 13.80 -29.65 -7.58
C ASN D 36 12.45 -29.06 -7.96
N PHE D 37 12.42 -28.21 -9.00
CA PHE D 37 11.17 -27.59 -9.38
C PHE D 37 10.18 -28.62 -9.90
N ARG D 38 10.67 -29.62 -10.63
CA ARG D 38 9.78 -30.66 -11.14
C ARG D 38 9.11 -31.39 -9.97
N ALA D 39 9.90 -31.85 -9.01
CA ALA D 39 9.35 -32.61 -7.89
C ALA D 39 8.44 -31.74 -7.02
N LEU D 40 8.77 -30.46 -6.87
CA LEU D 40 7.90 -29.57 -6.09
C LEU D 40 6.57 -29.34 -6.81
N SER D 41 6.58 -29.44 -8.13
CA SER D 41 5.37 -29.28 -8.92
C SER D 41 4.49 -30.52 -8.88
N THR D 42 5.08 -31.71 -8.82
CA THR D 42 4.23 -32.90 -8.68
C THR D 42 3.81 -33.14 -7.24
N GLY D 43 4.54 -32.58 -6.27
CA GLY D 43 4.26 -32.83 -4.87
C GLY D 43 4.71 -34.18 -4.37
N GLU D 44 5.51 -34.90 -5.14
CA GLU D 44 5.78 -36.30 -4.82
C GLU D 44 6.64 -36.51 -3.58
N LYS D 45 7.27 -35.46 -3.04
CA LYS D 45 7.96 -35.60 -1.76
C LYS D 45 7.04 -35.35 -0.58
N GLY D 46 5.76 -35.08 -0.83
CA GLY D 46 4.82 -34.80 0.22
C GLY D 46 4.66 -33.34 0.54
N PHE D 47 5.29 -32.47 -0.25
CA PHE D 47 5.15 -31.02 -0.11
C PHE D 47 5.45 -30.43 -1.47
N GLY D 48 5.07 -29.17 -1.66
CA GLY D 48 5.39 -28.52 -2.90
C GLY D 48 4.46 -27.35 -3.18
N TYR D 49 4.40 -26.98 -4.45
CA TYR D 49 3.83 -25.69 -4.82
C TYR D 49 2.31 -25.63 -4.76
N LYS D 50 1.61 -26.77 -4.86
CA LYS D 50 0.15 -26.73 -4.93
C LYS D 50 -0.42 -25.99 -3.73
N GLY D 51 -1.29 -25.02 -4.02
CA GLY D 51 -1.92 -24.23 -2.98
C GLY D 51 -1.17 -22.99 -2.56
N SER D 52 0.09 -22.85 -2.98
CA SER D 52 0.88 -21.70 -2.57
C SER D 52 0.57 -20.50 -3.47
N CYS D 53 1.06 -19.34 -3.08
CA CYS D 53 0.69 -18.12 -3.75
C CYS D 53 1.89 -17.42 -4.39
N PHE D 54 1.59 -16.51 -5.30
CA PHE D 54 2.59 -15.57 -5.81
C PHE D 54 2.53 -14.36 -4.90
N HIS D 55 3.50 -14.27 -4.01
CA HIS D 55 3.47 -13.27 -2.97
C HIS D 55 4.02 -11.93 -3.41
N ARG D 56 4.79 -11.89 -4.48
CA ARG D 56 5.41 -10.65 -4.91
C ARG D 56 5.28 -10.51 -6.42
N ILE D 57 4.54 -9.50 -6.87
CA ILE D 57 4.35 -9.26 -8.28
C ILE D 57 4.64 -7.79 -8.52
N ILE D 58 5.67 -7.51 -9.31
CA ILE D 58 6.04 -6.12 -9.62
C ILE D 58 5.91 -5.93 -11.12
N PRO D 59 4.87 -5.22 -11.57
CA PRO D 59 4.65 -5.02 -13.00
C PRO D 59 5.86 -4.37 -13.64
N GLY D 60 6.23 -4.88 -14.80
CA GLY D 60 7.42 -4.45 -15.49
C GLY D 60 8.63 -5.29 -15.21
N PHE D 61 8.55 -6.20 -14.23
CA PHE D 61 9.72 -6.97 -13.82
C PHE D 61 9.49 -8.47 -13.67
N MET D 62 8.69 -8.88 -12.68
N MET D 62 8.66 -8.89 -12.71
CA MET D 62 8.57 -10.32 -12.46
CA MET D 62 8.58 -10.33 -12.47
C MET D 62 7.39 -10.66 -11.56
C MET D 62 7.42 -10.67 -11.55
N CYS D 63 7.03 -11.93 -11.58
CA CYS D 63 6.09 -12.55 -10.64
C CYS D 63 6.89 -13.59 -9.83
N GLN D 64 6.85 -13.49 -8.50
CA GLN D 64 7.64 -14.33 -7.61
C GLN D 64 6.71 -15.12 -6.68
N GLY D 65 7.01 -16.41 -6.53
CA GLY D 65 6.23 -17.27 -5.65
C GLY D 65 7.08 -18.36 -5.06
N GLY D 66 6.43 -19.40 -4.56
CA GLY D 66 7.09 -20.62 -4.16
C GLY D 66 7.25 -20.82 -2.67
N ASP D 67 6.75 -19.91 -1.83
CA ASP D 67 6.85 -20.11 -0.39
C ASP D 67 5.66 -20.93 0.08
N PHE D 68 5.83 -22.25 0.07
CA PHE D 68 4.76 -23.13 0.50
C PHE D 68 4.90 -23.55 1.96
N THR D 69 5.93 -23.07 2.66
CA THR D 69 6.05 -23.46 4.07
C THR D 69 5.52 -22.40 5.02
N ARG D 70 5.76 -21.12 4.73
CA ARG D 70 5.30 -20.05 5.60
C ARG D 70 4.23 -19.19 4.95
N HIS D 71 4.10 -19.25 3.62
CA HIS D 71 3.13 -18.44 2.90
C HIS D 71 3.25 -16.96 3.24
N ASN D 72 4.49 -16.49 3.43
CA ASN D 72 4.68 -15.08 3.73
C ASN D 72 5.87 -14.48 2.98
N GLY D 73 6.47 -15.21 2.05
CA GLY D 73 7.60 -14.70 1.32
C GLY D 73 8.95 -14.97 1.95
N THR D 74 9.00 -15.52 3.16
CA THR D 74 10.28 -15.79 3.79
C THR D 74 10.68 -17.26 3.74
N GLY D 75 9.75 -18.14 3.36
CA GLY D 75 9.98 -19.57 3.49
C GLY D 75 10.21 -20.32 2.21
N GLY D 76 9.78 -21.57 2.20
CA GLY D 76 10.05 -22.52 1.15
C GLY D 76 11.25 -23.40 1.48
N LYS D 77 11.32 -24.54 0.79
CA LYS D 77 12.43 -25.47 0.99
C LYS D 77 12.58 -26.28 -0.29
N SER D 78 13.81 -26.76 -0.52
CA SER D 78 14.07 -27.63 -1.65
C SER D 78 13.85 -29.09 -1.28
N ILE D 79 13.96 -29.96 -2.28
CA ILE D 79 13.89 -31.40 -2.04
C ILE D 79 15.22 -31.95 -1.53
N TYR D 80 16.24 -31.09 -1.37
CA TYR D 80 17.57 -31.52 -0.95
C TYR D 80 17.93 -31.04 0.45
N GLY D 81 16.99 -30.47 1.17
CA GLY D 81 17.28 -29.72 2.37
C GLY D 81 16.69 -28.33 2.23
N GLU D 82 16.82 -27.56 3.29
CA GLU D 82 16.18 -26.26 3.26
C GLU D 82 16.67 -25.42 2.09
N LYS D 83 17.97 -25.42 1.86
CA LYS D 83 18.57 -24.68 0.75
C LYS D 83 19.63 -25.54 0.06
N PHE D 84 19.92 -25.19 -1.20
CA PHE D 84 20.98 -25.83 -1.94
C PHE D 84 21.78 -24.80 -2.74
N GLU D 85 22.95 -25.23 -3.18
CA GLU D 85 23.92 -24.35 -3.81
C GLU D 85 23.47 -23.92 -5.21
N ASP D 86 24.10 -22.85 -5.68
CA ASP D 86 23.89 -22.37 -7.05
C ASP D 86 24.54 -23.35 -8.01
N GLU D 87 23.74 -23.99 -8.86
CA GLU D 87 24.26 -25.05 -9.71
C GLU D 87 25.20 -24.50 -10.77
N ASN D 88 24.74 -23.52 -11.54
CA ASN D 88 25.56 -22.77 -12.47
C ASN D 88 24.76 -21.55 -12.88
N PHE D 89 25.44 -20.61 -13.52
CA PHE D 89 24.82 -19.40 -14.06
C PHE D 89 24.98 -19.34 -15.56
N ILE D 90 24.93 -20.51 -16.23
CA ILE D 90 25.12 -20.54 -17.68
C ILE D 90 24.07 -19.71 -18.39
N LEU D 91 22.82 -19.87 -17.98
CA LEU D 91 21.70 -19.23 -18.65
C LEU D 91 21.42 -17.85 -18.08
N LYS D 92 20.95 -16.96 -18.94
CA LYS D 92 20.78 -15.56 -18.60
C LYS D 92 19.31 -15.15 -18.58
N HIS D 93 19.03 -14.04 -17.90
CA HIS D 93 17.69 -13.47 -17.81
C HIS D 93 17.48 -12.61 -19.06
N THR D 94 17.11 -13.28 -20.14
CA THR D 94 17.15 -12.65 -21.46
C THR D 94 15.86 -11.93 -21.83
N GLY D 95 14.77 -12.13 -21.11
CA GLY D 95 13.53 -11.50 -21.48
C GLY D 95 12.35 -12.12 -20.76
N PRO D 96 11.15 -11.72 -21.15
CA PRO D 96 9.93 -12.26 -20.55
C PRO D 96 9.88 -13.78 -20.65
N GLY D 97 9.40 -14.41 -19.59
CA GLY D 97 9.16 -15.83 -19.58
C GLY D 97 10.26 -16.64 -18.92
N ILE D 98 11.42 -16.03 -18.66
CA ILE D 98 12.50 -16.73 -17.98
C ILE D 98 12.05 -17.13 -16.58
N LEU D 99 12.35 -18.38 -16.21
CA LEU D 99 12.07 -18.95 -14.90
C LEU D 99 13.38 -19.14 -14.16
N SER D 100 13.49 -18.52 -12.97
CA SER D 100 14.77 -18.41 -12.27
C SER D 100 14.53 -18.54 -10.77
N MET D 101 15.59 -18.93 -10.05
CA MET D 101 15.45 -19.14 -8.61
C MET D 101 15.61 -17.83 -7.83
N ALA D 102 14.68 -17.59 -6.91
CA ALA D 102 14.88 -16.56 -5.90
C ALA D 102 15.92 -17.03 -4.91
N ASN D 103 16.53 -16.10 -4.19
CA ASN D 103 17.48 -16.51 -3.19
C ASN D 103 17.70 -15.39 -2.19
N ALA D 104 18.46 -15.71 -1.15
CA ALA D 104 18.85 -14.80 -0.07
C ALA D 104 20.35 -14.60 -0.07
N GLY D 105 20.97 -14.60 -1.24
CA GLY D 105 22.41 -14.53 -1.34
C GLY D 105 22.98 -15.81 -1.95
N PRO D 106 24.30 -15.87 -2.04
CA PRO D 106 24.95 -17.03 -2.68
C PRO D 106 24.54 -18.35 -2.05
N ASN D 107 24.21 -19.32 -2.91
CA ASN D 107 24.00 -20.70 -2.47
C ASN D 107 22.86 -20.83 -1.46
N THR D 108 21.72 -20.20 -1.77
CA THR D 108 20.57 -20.24 -0.86
C THR D 108 19.29 -20.54 -1.62
N ASN D 109 19.37 -21.40 -2.63
CA ASN D 109 18.17 -21.78 -3.37
C ASN D 109 17.30 -22.68 -2.52
N GLY D 110 15.99 -22.41 -2.50
CA GLY D 110 15.07 -23.25 -1.77
C GLY D 110 13.97 -23.70 -2.70
N SER D 111 12.80 -23.10 -2.57
CA SER D 111 11.73 -23.32 -3.53
C SER D 111 11.24 -22.03 -4.19
N GLN D 112 11.56 -20.86 -3.64
CA GLN D 112 11.03 -19.65 -4.25
C GLN D 112 11.67 -19.43 -5.61
N PHE D 113 10.88 -18.89 -6.54
CA PHE D 113 11.26 -18.75 -7.94
C PHE D 113 10.60 -17.49 -8.44
N PHE D 114 11.04 -17.04 -9.60
CA PHE D 114 10.36 -15.92 -10.23
C PHE D 114 10.28 -16.13 -11.73
N ILE D 115 9.25 -15.52 -12.31
CA ILE D 115 9.03 -15.54 -13.75
C ILE D 115 9.22 -14.12 -14.24
N CYS D 116 10.18 -13.91 -15.12
CA CYS D 116 10.44 -12.57 -15.62
C CYS D 116 9.32 -12.12 -16.55
N THR D 117 8.96 -10.84 -16.45
CA THR D 117 8.09 -10.23 -17.45
C THR D 117 8.83 -9.18 -18.28
N ALA D 118 10.15 -9.12 -18.13
CA ALA D 118 11.03 -8.23 -18.88
C ALA D 118 12.42 -8.81 -18.75
N LYS D 119 13.35 -8.32 -19.57
CA LYS D 119 14.74 -8.65 -19.41
C LYS D 119 15.25 -8.06 -18.09
N THR D 120 15.93 -8.89 -17.29
CA THR D 120 16.46 -8.46 -16.00
C THR D 120 17.95 -8.85 -15.92
N GLU D 121 18.73 -8.20 -16.78
CA GLU D 121 20.11 -8.61 -17.01
C GLU D 121 20.98 -8.50 -15.77
N TRP D 122 20.68 -7.57 -14.86
CA TRP D 122 21.50 -7.38 -13.67
C TRP D 122 21.38 -8.55 -12.70
N LEU D 123 20.43 -9.45 -12.91
CA LEU D 123 20.33 -10.66 -12.10
C LEU D 123 21.19 -11.80 -12.62
N ASP D 124 21.77 -11.67 -13.82
CA ASP D 124 22.65 -12.70 -14.35
C ASP D 124 23.83 -12.90 -13.42
N GLY D 125 24.17 -14.16 -13.17
CA GLY D 125 25.26 -14.48 -12.28
C GLY D 125 24.90 -14.46 -10.82
N LYS D 126 23.68 -14.05 -10.48
CA LYS D 126 23.22 -14.03 -9.10
C LYS D 126 22.03 -14.96 -8.86
N HIS D 127 21.20 -15.19 -9.87
CA HIS D 127 20.07 -16.07 -9.79
C HIS D 127 20.19 -17.14 -10.86
N VAL D 128 19.92 -18.39 -10.48
CA VAL D 128 20.08 -19.52 -11.37
C VAL D 128 18.83 -19.62 -12.26
N VAL D 129 19.02 -19.39 -13.55
CA VAL D 129 17.96 -19.57 -14.54
C VAL D 129 17.85 -21.06 -14.85
N PHE D 130 16.64 -21.60 -14.81
CA PHE D 130 16.48 -23.03 -14.99
C PHE D 130 15.29 -23.43 -15.86
N GLY D 131 14.54 -22.48 -16.40
CA GLY D 131 13.44 -22.86 -17.27
C GLY D 131 12.88 -21.64 -17.97
N LYS D 132 11.79 -21.88 -18.69
CA LYS D 132 11.10 -20.78 -19.33
C LYS D 132 9.64 -21.16 -19.55
N VAL D 133 8.78 -20.14 -19.60
CA VAL D 133 7.39 -20.35 -19.97
C VAL D 133 7.33 -20.94 -21.36
N LYS D 134 6.55 -22.01 -21.51
CA LYS D 134 6.31 -22.68 -22.78
C LYS D 134 4.99 -22.25 -23.39
N GLU D 135 3.91 -22.39 -22.63
CA GLU D 135 2.59 -21.93 -23.02
C GLU D 135 2.01 -21.10 -21.89
N GLY D 136 1.13 -20.16 -22.25
CA GLY D 136 0.46 -19.37 -21.24
C GLY D 136 1.24 -18.18 -20.72
N MET D 137 2.16 -17.62 -21.52
CA MET D 137 2.81 -16.38 -21.07
C MET D 137 1.78 -15.30 -20.78
N ASN D 138 0.67 -15.28 -21.52
CA ASN D 138 -0.35 -14.28 -21.26
C ASN D 138 -1.02 -14.45 -19.89
N ILE D 139 -0.95 -15.64 -19.29
CA ILE D 139 -1.42 -15.80 -17.93
C ILE D 139 -0.51 -15.06 -16.97
N VAL D 140 0.81 -15.14 -17.20
CA VAL D 140 1.76 -14.40 -16.38
C VAL D 140 1.56 -12.91 -16.56
N GLU D 141 1.34 -12.48 -17.80
CA GLU D 141 1.02 -11.08 -18.03
C GLU D 141 -0.25 -10.69 -17.28
N ALA D 142 -1.25 -11.59 -17.27
CA ALA D 142 -2.48 -11.30 -16.55
C ALA D 142 -2.27 -11.24 -15.04
N MET D 143 -1.33 -12.04 -14.51
CA MET D 143 -1.02 -11.96 -13.08
C MET D 143 -0.42 -10.60 -12.73
N GLU D 144 0.30 -9.98 -13.66
CA GLU D 144 0.89 -8.68 -13.39
C GLU D 144 -0.17 -7.64 -13.07
N ARG D 145 -1.40 -7.85 -13.51
CA ARG D 145 -2.48 -6.90 -13.24
C ARG D 145 -2.71 -6.75 -11.74
N PHE D 146 -2.24 -7.69 -10.93
CA PHE D 146 -2.52 -7.70 -9.51
C PHE D 146 -1.32 -7.35 -8.66
N GLY D 147 -0.23 -6.87 -9.28
CA GLY D 147 0.94 -6.48 -8.56
C GLY D 147 0.97 -4.99 -8.28
N SER D 148 2.10 -4.55 -7.76
CA SER D 148 2.26 -3.16 -7.36
C SER D 148 3.74 -2.84 -7.30
N ARG D 149 4.04 -1.59 -7.05
CA ARG D 149 5.43 -1.11 -7.06
C ARG D 149 6.31 -1.88 -6.08
N ASN D 150 5.82 -2.17 -4.88
CA ASN D 150 6.63 -2.91 -3.91
C ASN D 150 6.36 -4.41 -3.93
N GLY D 151 5.49 -4.87 -4.83
CA GLY D 151 5.22 -6.27 -5.01
C GLY D 151 4.02 -6.82 -4.28
N LYS D 152 3.46 -6.07 -3.34
CA LYS D 152 2.26 -6.54 -2.65
C LYS D 152 1.14 -6.74 -3.66
N THR D 153 0.44 -7.87 -3.56
CA THR D 153 -0.60 -8.17 -4.53
C THR D 153 -1.97 -7.70 -4.05
N SER D 154 -2.82 -7.35 -5.00
CA SER D 154 -4.14 -6.81 -4.67
C SER D 154 -5.21 -7.88 -4.60
N LYS D 155 -4.91 -9.09 -5.08
CA LYS D 155 -5.77 -10.25 -4.95
C LYS D 155 -4.86 -11.43 -4.66
N LYS D 156 -5.44 -12.52 -4.14
CA LYS D 156 -4.67 -13.71 -3.80
C LYS D 156 -4.44 -14.54 -5.06
N ILE D 157 -3.19 -14.64 -5.49
CA ILE D 157 -2.84 -15.30 -6.74
C ILE D 157 -2.26 -16.65 -6.36
N THR D 158 -2.97 -17.73 -6.65
CA THR D 158 -2.53 -19.03 -6.16
C THR D 158 -2.27 -20.00 -7.29
N ILE D 159 -1.45 -20.99 -6.95
CA ILE D 159 -1.23 -22.16 -7.80
C ILE D 159 -2.30 -23.16 -7.34
N ALA D 160 -3.46 -23.10 -7.99
CA ALA D 160 -4.57 -23.94 -7.58
C ALA D 160 -4.28 -25.42 -7.83
N ASP D 161 -3.55 -25.72 -8.89
CA ASP D 161 -3.10 -27.07 -9.15
C ASP D 161 -1.78 -26.95 -9.89
N CYS D 162 -1.01 -28.03 -9.83
CA CYS D 162 0.25 -28.07 -10.57
C CYS D 162 0.66 -29.52 -10.73
N GLY D 163 1.57 -29.74 -11.66
CA GLY D 163 2.01 -31.09 -11.91
C GLY D 163 2.90 -31.13 -13.13
N GLN D 164 3.15 -32.35 -13.59
CA GLN D 164 4.03 -32.57 -14.73
C GLN D 164 3.21 -33.03 -15.92
N LEU D 165 3.53 -32.49 -17.09
CA LEU D 165 2.88 -32.90 -18.32
C LEU D 165 3.67 -34.02 -18.99
N GLU D 166 2.96 -34.87 -19.72
CA GLU D 166 3.61 -35.97 -20.45
C GLU D 166 4.67 -35.43 -21.41
#